data_4MGK
#
_entry.id   4MGK
#
_cell.length_a   125.040
_cell.length_b   144.550
_cell.length_c   227.840
_cell.angle_alpha   90.00
_cell.angle_beta   90.00
_cell.angle_gamma   90.00
#
_symmetry.space_group_name_H-M   'I 21 21 21'
#
loop_
_entity.id
_entity.type
_entity.pdbx_description
1 polymer 'Rap guanine nucleotide exchange factor 4'
2 polymer 'Ras-related protein Rap-1b'
3 non-polymer "ADENOSINE-3',5'-CYCLIC-MONOPHOSPHATE"
4 non-polymer 'SULFATE ION'
5 water water
#
loop_
_entity_poly.entity_id
_entity_poly.type
_entity_poly.pdbx_seq_one_letter_code
_entity_poly.pdbx_strand_id
1 'polypeptide(L)'
;GSPESFPDAHMRMILRKPPGQRTVDDLEIIYDELLHIKALSHLSTTVKRELAGVLIFESHAKGGTVLFNQGEEGTSWYII
LKGSVNVVIYGKGVVCTLHEGDDFGQLALVNDAPRAASIVLREDNCHFLRVDKEDFNRILRDVEANTVRLKEHDQDVLVL
EKVPAGNRAANQGNSQPQQKYTVMSGTPEKILEHFLETIRLEPSLNEATDSVLNDFVMMHCVFMPNTQLCPALVAHYHAQ
PSQGTEQERMDYALNNKRRVIRLVLQWAAMYGDLLQEDDVAMAFLEEFYVSVSDDARMMAAFKEQLPELEKIVKQISEDA
KAPQKKHKVLLQQFNTGDERAQKRQPIRGSDEVLFKVYCIDHTYTTIRVPVAASVKEVISAVADKLGSGEGLIIVKMNSG
GEKVVLKSNDVSVFTTLTINGRLFACPREQFDSLTPLPEQEGPTTGTVGTFELMSSKDLAYQMTTYDWELFNCVHELELI
YHTFGRHNFKKTTANLDLFLRRFNEIQFWVVTEVCLCSQLSKRVQLLKKFIKIAAHCKEYKNLNSFFAIVMGLSNVAVSR
LALTWEKLPSKFKKFYAEFESLMDPSRNHRAYRLTAAKLEPPLIPFMPLLIKDMTFTHEGNKTFIDNLVNFEKMRMIANT
ARTVRYYRSQPFNPDAAQANKNHQDVRSYVRQLNVIDNQRTLSQMSHRLEPRRP
;
E
2 'polypeptide(L)'
;MREYKLVVLGSGGVGKSALTVQFVQGIFVEKYDPTIEDSYRKQVEVDAQQCMLEILDTAGTEQFTAMRDLYMKNGQGFAL
VYSITAQSTFNDLQDLREQILRVKDTDDVPMILVGNKCDLEDERVVGKEQGQNLARQWNNCAFLESSAKSKINVNEIFYD
LVRQINR
;
R
#
loop_
_chem_comp.id
_chem_comp.type
_chem_comp.name
_chem_comp.formula
CMP non-polymer ADENOSINE-3',5'-CYCLIC-MONOPHOSPHATE 'C10 H12 N5 O6 P'
SO4 non-polymer 'SULFATE ION' 'O4 S -2'
#
# COMPACT_ATOMS: atom_id res chain seq x y z
N MET A 11 54.94 17.67 -10.56
CA MET A 11 53.48 17.69 -10.21
C MET A 11 52.83 16.33 -10.47
N ARG A 12 53.01 15.82 -11.70
CA ARG A 12 52.51 14.50 -12.07
C ARG A 12 53.32 13.40 -11.37
N MET A 13 54.62 13.64 -11.21
CA MET A 13 55.51 12.75 -10.45
C MET A 13 55.11 12.77 -8.97
N ILE A 14 54.78 13.97 -8.48
CA ILE A 14 54.33 14.17 -7.11
C ILE A 14 53.07 13.33 -6.82
N LEU A 15 52.10 13.41 -7.73
CA LEU A 15 50.84 12.68 -7.60
C LEU A 15 50.97 11.18 -7.90
N ARG A 16 52.13 10.77 -8.40
CA ARG A 16 52.43 9.35 -8.64
C ARG A 16 53.04 8.67 -7.42
N LYS A 17 53.66 9.47 -6.54
CA LYS A 17 54.23 8.97 -5.28
C LYS A 17 53.19 8.29 -4.41
N PRO A 18 53.56 7.16 -3.76
CA PRO A 18 52.68 6.48 -2.82
C PRO A 18 52.25 7.40 -1.66
N PRO A 19 51.13 7.07 -0.98
CA PRO A 19 50.62 7.85 0.15
C PRO A 19 51.67 8.18 1.22
N GLY A 20 52.42 7.16 1.66
CA GLY A 20 53.40 7.34 2.73
C GLY A 20 54.80 7.72 2.26
N GLN A 21 54.88 8.42 1.14
CA GLN A 21 56.17 8.79 0.55
C GLN A 21 56.18 10.28 0.14
N ARG A 22 55.02 10.91 0.22
CA ARG A 22 54.87 12.32 -0.16
C ARG A 22 55.35 13.24 0.95
N THR A 23 56.13 14.25 0.57
CA THR A 23 56.69 15.21 1.52
C THR A 23 55.63 16.23 1.93
N VAL A 24 55.91 16.97 3.01
CA VAL A 24 55.02 18.03 3.49
C VAL A 24 54.78 19.08 2.40
N ASP A 25 55.83 19.42 1.65
CA ASP A 25 55.73 20.39 0.56
C ASP A 25 54.93 19.83 -0.62
N ASP A 26 55.06 18.52 -0.86
CA ASP A 26 54.26 17.83 -1.86
C ASP A 26 52.78 17.90 -1.50
N LEU A 27 52.47 17.59 -0.25
CA LEU A 27 51.12 17.63 0.31
C LEU A 27 50.47 19.00 0.19
N GLU A 28 51.28 20.05 0.35
CA GLU A 28 50.79 21.42 0.34
C GLU A 28 50.48 21.90 -1.07
N ILE A 29 51.34 21.52 -2.02
CA ILE A 29 51.19 21.88 -3.44
C ILE A 29 50.01 21.14 -4.10
N ILE A 30 49.80 19.88 -3.71
CA ILE A 30 48.66 19.09 -4.17
C ILE A 30 47.33 19.71 -3.70
N TYR A 31 47.25 19.99 -2.40
CA TYR A 31 46.04 20.56 -1.80
C TYR A 31 45.53 21.82 -2.51
N ASP A 32 46.46 22.68 -2.93
CA ASP A 32 46.12 23.90 -3.66
C ASP A 32 45.41 23.58 -4.97
N GLU A 33 45.84 22.51 -5.62
CA GLU A 33 45.27 22.07 -6.90
C GLU A 33 43.91 21.41 -6.72
N LEU A 34 43.69 20.77 -5.58
CA LEU A 34 42.40 20.11 -5.28
C LEU A 34 41.29 21.13 -5.09
N LEU A 35 41.67 22.36 -4.77
CA LEU A 35 40.74 23.47 -4.61
C LEU A 35 40.19 23.95 -5.96
N HIS A 36 40.82 23.50 -7.05
CA HIS A 36 40.37 23.82 -8.41
C HIS A 36 39.45 22.74 -9.00
N ILE A 37 39.34 21.60 -8.31
CA ILE A 37 38.50 20.49 -8.75
C ILE A 37 37.08 20.62 -8.18
N LYS A 38 36.11 20.79 -9.06
CA LYS A 38 34.71 20.96 -8.65
C LYS A 38 34.09 19.71 -8.03
N ALA A 39 34.61 18.54 -8.39
CA ALA A 39 34.17 17.27 -7.80
C ALA A 39 34.49 17.17 -6.31
N LEU A 40 35.36 18.05 -5.83
CA LEU A 40 35.81 18.03 -4.43
C LEU A 40 35.40 19.29 -3.66
N SER A 41 34.71 20.21 -4.33
CA SER A 41 34.38 21.52 -3.77
C SER A 41 33.39 21.48 -2.58
N HIS A 42 32.51 20.48 -2.57
CA HIS A 42 31.53 20.32 -1.50
C HIS A 42 32.13 19.72 -0.22
N LEU A 43 33.33 19.14 -0.35
CA LEU A 43 34.01 18.49 0.77
C LEU A 43 34.64 19.51 1.71
N SER A 44 34.83 19.11 2.97
CA SER A 44 35.43 19.96 3.99
C SER A 44 36.95 20.09 3.82
N THR A 45 37.53 21.08 4.49
CA THR A 45 38.97 21.30 4.52
C THR A 45 39.70 20.06 5.07
N THR A 46 39.16 19.48 6.14
CA THR A 46 39.70 18.27 6.75
C THR A 46 39.82 17.12 5.76
N VAL A 47 38.72 16.85 5.05
CA VAL A 47 38.67 15.76 4.06
C VAL A 47 39.61 16.03 2.87
N LYS A 48 39.64 17.28 2.40
CA LYS A 48 40.46 17.65 1.25
C LYS A 48 41.97 17.49 1.46
N ARG A 49 42.45 17.76 2.67
CA ARG A 49 43.88 17.59 2.95
C ARG A 49 44.26 16.14 3.24
N GLU A 50 43.29 15.33 3.64
CA GLU A 50 43.46 13.88 3.70
C GLU A 50 43.57 13.28 2.31
N LEU A 51 42.86 13.88 1.36
CA LEU A 51 42.90 13.46 -0.04
C LEU A 51 44.19 13.84 -0.74
N ALA A 52 44.86 14.86 -0.23
CA ALA A 52 46.13 15.33 -0.78
C ALA A 52 47.21 14.25 -0.71
N GLY A 53 47.13 13.40 0.32
CA GLY A 53 48.07 12.31 0.50
C GLY A 53 47.55 10.96 0.03
N VAL A 54 46.49 10.99 -0.78
CA VAL A 54 45.79 9.76 -1.16
C VAL A 54 45.43 9.68 -2.66
N LEU A 55 45.31 10.84 -3.30
CA LEU A 55 44.96 10.91 -4.71
C LEU A 55 46.11 10.54 -5.65
N ILE A 56 46.02 9.36 -6.26
CA ILE A 56 47.00 8.89 -7.23
C ILE A 56 46.70 9.40 -8.64
N PHE A 57 47.74 9.84 -9.35
CA PHE A 57 47.64 10.21 -10.76
C PHE A 57 47.75 8.96 -11.63
N GLU A 58 46.86 8.85 -12.61
CA GLU A 58 46.85 7.74 -13.55
C GLU A 58 46.69 8.25 -14.98
N SER A 59 47.43 7.65 -15.90
CA SER A 59 47.44 8.08 -17.29
C SER A 59 47.29 6.91 -18.27
N HIS A 60 46.58 7.15 -19.36
CA HIS A 60 46.43 6.17 -20.43
C HIS A 60 46.47 6.88 -21.78
N ALA A 61 47.23 6.32 -22.72
CA ALA A 61 47.50 6.95 -24.01
C ALA A 61 46.47 6.64 -25.09
N LYS A 62 46.08 5.37 -25.19
CA LYS A 62 45.25 4.88 -26.30
C LYS A 62 43.76 5.03 -26.04
N GLY A 63 43.05 5.68 -26.97
CA GLY A 63 41.59 5.70 -26.97
C GLY A 63 41.07 4.30 -27.22
N GLY A 64 40.08 3.89 -26.43
CA GLY A 64 39.54 2.53 -26.52
C GLY A 64 40.07 1.59 -25.46
N THR A 65 40.96 2.11 -24.62
CA THR A 65 41.48 1.34 -23.48
C THR A 65 40.39 1.22 -22.41
N VAL A 66 40.22 0.01 -21.89
CA VAL A 66 39.19 -0.26 -20.89
C VAL A 66 39.75 -0.06 -19.49
N LEU A 67 39.12 0.85 -18.74
CA LEU A 67 39.52 1.15 -17.37
C LEU A 67 39.11 0.02 -16.44
N PHE A 68 37.84 -0.37 -16.51
CA PHE A 68 37.36 -1.58 -15.83
C PHE A 68 36.13 -2.18 -16.51
N ASN A 69 35.83 -3.44 -16.20
CA ASN A 69 34.70 -4.16 -16.78
C ASN A 69 33.49 -4.14 -15.87
N GLN A 70 32.30 -4.18 -16.48
CA GLN A 70 31.07 -4.40 -15.74
C GLN A 70 31.09 -5.84 -15.19
N GLY A 71 30.76 -5.98 -13.90
CA GLY A 71 30.78 -7.28 -13.26
C GLY A 71 32.02 -7.52 -12.41
N GLU A 72 33.07 -6.74 -12.68
CA GLU A 72 34.27 -6.71 -11.85
C GLU A 72 33.97 -6.14 -10.47
N GLU A 73 34.73 -6.57 -9.47
CA GLU A 73 34.68 -5.92 -8.15
C GLU A 73 35.39 -4.56 -8.24
N GLY A 74 34.80 -3.55 -7.61
CA GLY A 74 35.32 -2.20 -7.66
C GLY A 74 36.39 -1.93 -6.62
N THR A 75 37.48 -1.30 -7.05
CA THR A 75 38.62 -1.05 -6.17
C THR A 75 39.05 0.41 -6.12
N SER A 76 38.43 1.26 -6.94
CA SER A 76 38.86 2.65 -7.08
C SER A 76 37.76 3.61 -7.51
N TRP A 77 37.88 4.86 -7.06
CA TRP A 77 37.00 5.95 -7.48
C TRP A 77 37.85 6.89 -8.32
N TYR A 78 37.29 7.37 -9.44
CA TYR A 78 38.07 8.15 -10.42
C TYR A 78 37.52 9.55 -10.65
N ILE A 79 38.42 10.49 -10.90
CA ILE A 79 38.08 11.85 -11.34
C ILE A 79 38.81 12.14 -12.65
N ILE A 80 38.08 12.63 -13.65
CA ILE A 80 38.67 12.93 -14.95
C ILE A 80 39.31 14.32 -14.98
N LEU A 81 40.61 14.35 -15.26
CA LEU A 81 41.35 15.61 -15.43
C LEU A 81 41.35 16.05 -16.88
N LYS A 82 41.76 15.15 -17.76
CA LYS A 82 41.84 15.43 -19.20
C LYS A 82 41.20 14.29 -19.99
N GLY A 83 40.36 14.64 -20.95
CA GLY A 83 39.75 13.66 -21.86
C GLY A 83 38.31 13.30 -21.52
N SER A 84 37.90 12.12 -21.98
CA SER A 84 36.53 11.65 -21.81
C SER A 84 36.45 10.13 -21.87
N VAL A 85 35.38 9.58 -21.28
CA VAL A 85 35.16 8.12 -21.27
C VAL A 85 33.72 7.76 -21.63
N ASN A 86 33.54 6.56 -22.17
CA ASN A 86 32.21 6.01 -22.41
C ASN A 86 31.77 5.10 -21.26
N VAL A 87 30.53 5.27 -20.85
CA VAL A 87 29.90 4.38 -19.89
C VAL A 87 29.13 3.33 -20.70
N VAL A 88 29.56 2.07 -20.59
CA VAL A 88 28.99 1.00 -21.40
C VAL A 88 28.28 -0.04 -20.53
N ILE A 89 27.01 -0.28 -20.82
CA ILE A 89 26.23 -1.28 -20.11
C ILE A 89 25.82 -2.38 -21.09
N TYR A 90 25.93 -3.63 -20.65
CA TYR A 90 25.65 -4.80 -21.47
C TYR A 90 24.18 -4.82 -21.93
N GLY A 91 23.99 -4.91 -23.24
CA GLY A 91 22.67 -4.90 -23.84
C GLY A 91 22.22 -3.53 -24.31
N LYS A 92 22.96 -2.49 -23.92
CA LYS A 92 22.63 -1.10 -24.25
C LYS A 92 23.74 -0.37 -25.00
N GLY A 93 24.97 -0.85 -24.85
CA GLY A 93 26.15 -0.20 -25.44
C GLY A 93 26.51 1.06 -24.68
N VAL A 94 26.97 2.07 -25.40
CA VAL A 94 27.34 3.35 -24.80
C VAL A 94 26.10 4.08 -24.31
N VAL A 95 26.03 4.26 -23.00
CA VAL A 95 24.86 4.80 -22.32
C VAL A 95 24.96 6.31 -22.11
N CYS A 96 26.18 6.78 -21.82
CA CYS A 96 26.49 8.21 -21.70
C CYS A 96 28.00 8.42 -21.69
N THR A 97 28.42 9.65 -21.91
CA THR A 97 29.84 9.99 -21.92
C THR A 97 30.17 10.93 -20.77
N LEU A 98 31.25 10.62 -20.06
CA LEU A 98 31.72 11.47 -18.97
C LEU A 98 32.91 12.30 -19.41
N HIS A 99 32.92 13.57 -19.03
CA HIS A 99 33.93 14.52 -19.49
C HIS A 99 34.84 15.05 -18.38
N GLU A 100 35.68 16.02 -18.76
CA GLU A 100 36.59 16.73 -17.87
C GLU A 100 35.84 17.29 -16.65
N GLY A 101 36.26 16.87 -15.46
CA GLY A 101 35.65 17.32 -14.22
C GLY A 101 34.65 16.35 -13.61
N ASP A 102 34.22 15.36 -14.40
CA ASP A 102 33.29 14.35 -13.92
C ASP A 102 34.00 13.24 -13.14
N ASP A 103 33.26 12.58 -12.26
CA ASP A 103 33.78 11.45 -11.51
C ASP A 103 32.89 10.22 -11.68
N PHE A 104 33.45 9.04 -11.40
CA PHE A 104 32.73 7.78 -11.53
C PHE A 104 33.37 6.69 -10.67
N GLY A 105 32.59 5.66 -10.37
CA GLY A 105 33.11 4.47 -9.71
C GLY A 105 32.76 4.34 -8.24
N GLN A 106 31.95 5.28 -7.74
CA GLN A 106 31.59 5.29 -6.33
C GLN A 106 30.53 4.24 -5.99
N LEU A 107 29.72 3.85 -6.97
CA LEU A 107 28.64 2.88 -6.79
C LEU A 107 29.14 1.55 -6.24
N ALA A 108 30.14 0.97 -6.91
CA ALA A 108 30.70 -0.33 -6.52
C ALA A 108 31.35 -0.30 -5.14
N LEU A 109 32.01 0.81 -4.82
CA LEU A 109 32.71 0.97 -3.55
C LEU A 109 31.75 1.08 -2.37
N VAL A 110 30.71 1.88 -2.53
CA VAL A 110 29.72 2.12 -1.48
C VAL A 110 28.84 0.88 -1.25
N ASN A 111 28.33 0.31 -2.34
CA ASN A 111 27.44 -0.86 -2.27
C ASN A 111 28.16 -2.18 -1.98
N ASP A 112 29.48 -2.20 -2.20
CA ASP A 112 30.27 -3.43 -2.15
C ASP A 112 29.76 -4.42 -3.22
N ALA A 113 29.32 -3.86 -4.34
CA ALA A 113 28.71 -4.63 -5.41
C ALA A 113 29.57 -4.55 -6.67
N PRO A 114 29.36 -5.46 -7.64
CA PRO A 114 30.15 -5.39 -8.88
C PRO A 114 29.90 -4.10 -9.65
N ARG A 115 30.84 -3.74 -10.52
CA ARG A 115 30.69 -2.57 -11.39
C ARG A 115 29.39 -2.65 -12.17
N ALA A 116 28.62 -1.57 -12.15
CA ALA A 116 27.35 -1.50 -12.86
C ALA A 116 27.54 -1.22 -14.35
N ALA A 117 28.75 -0.82 -14.73
CA ALA A 117 29.06 -0.49 -16.12
C ALA A 117 30.55 -0.65 -16.44
N SER A 118 30.87 -0.66 -17.73
CA SER A 118 32.25 -0.61 -18.18
C SER A 118 32.65 0.83 -18.51
N ILE A 119 33.89 1.17 -18.19
CA ILE A 119 34.44 2.49 -18.51
C ILE A 119 35.55 2.34 -19.55
N VAL A 120 35.35 2.97 -20.70
CA VAL A 120 36.25 2.85 -21.83
C VAL A 120 36.67 4.23 -22.31
N LEU A 121 37.97 4.38 -22.60
CA LEU A 121 38.50 5.66 -23.09
C LEU A 121 37.91 6.04 -24.44
N ARG A 122 37.44 7.27 -24.51
CA ARG A 122 36.77 7.80 -25.69
C ARG A 122 37.77 8.41 -26.68
N GLU A 123 38.89 8.90 -26.16
CA GLU A 123 39.90 9.62 -26.94
C GLU A 123 41.31 9.33 -26.44
N ASP A 124 42.30 9.85 -27.17
CA ASP A 124 43.70 9.65 -26.81
C ASP A 124 44.16 10.51 -25.65
N ASN A 125 45.08 9.96 -24.85
CA ASN A 125 45.75 10.66 -23.76
C ASN A 125 44.78 11.20 -22.69
N CYS A 126 44.29 10.29 -21.85
CA CYS A 126 43.37 10.64 -20.76
C CYS A 126 44.05 10.56 -19.41
N HIS A 127 43.80 11.57 -18.56
CA HIS A 127 44.40 11.64 -17.22
C HIS A 127 43.33 11.53 -16.14
N PHE A 128 43.62 10.75 -15.10
CA PHE A 128 42.68 10.53 -14.01
C PHE A 128 43.33 10.70 -12.63
N LEU A 129 42.56 11.27 -11.71
CA LEU A 129 42.88 11.19 -10.28
C LEU A 129 42.10 10.04 -9.67
N ARG A 130 42.80 9.21 -8.89
CA ARG A 130 42.23 7.97 -8.37
C ARG A 130 42.35 7.85 -6.84
N VAL A 131 41.33 7.29 -6.22
CA VAL A 131 41.35 6.96 -4.80
C VAL A 131 41.02 5.48 -4.64
N ASP A 132 41.94 4.72 -4.05
CA ASP A 132 41.75 3.28 -3.88
C ASP A 132 40.75 2.93 -2.76
N LYS A 133 40.33 1.66 -2.73
CA LYS A 133 39.23 1.19 -1.90
C LYS A 133 39.38 1.49 -0.40
N GLU A 134 40.52 1.13 0.18
CA GLU A 134 40.78 1.31 1.61
C GLU A 134 40.75 2.79 2.01
N ASP A 135 41.35 3.63 1.16
CA ASP A 135 41.40 5.07 1.39
C ASP A 135 40.05 5.75 1.14
N PHE A 136 39.25 5.19 0.24
CA PHE A 136 37.91 5.72 -0.05
C PHE A 136 36.96 5.49 1.12
N ASN A 137 37.01 4.30 1.71
CA ASN A 137 36.16 3.95 2.84
C ASN A 137 36.50 4.74 4.10
N ARG A 138 37.79 5.03 4.26
CA ARG A 138 38.28 5.77 5.42
C ARG A 138 37.92 7.26 5.35
N ILE A 139 38.07 7.85 4.17
CA ILE A 139 37.95 9.30 4.00
C ILE A 139 36.61 9.77 3.42
N LEU A 140 36.17 9.12 2.35
CA LEU A 140 35.07 9.66 1.51
C LEU A 140 33.70 9.02 1.70
N ARG A 141 33.66 7.79 2.18
CA ARG A 141 32.44 6.96 2.18
C ARG A 141 31.21 7.61 2.81
N ASP A 142 31.42 8.41 3.85
CA ASP A 142 30.32 9.06 4.57
C ASP A 142 29.96 10.46 4.06
N VAL A 143 30.78 11.00 3.17
CA VAL A 143 30.62 12.40 2.75
C VAL A 143 30.53 12.61 1.24
N GLU A 144 31.27 11.81 0.46
CA GLU A 144 31.28 11.95 -0.99
C GLU A 144 30.10 11.24 -1.64
N ALA A 145 29.46 11.94 -2.58
CA ALA A 145 28.35 11.41 -3.38
C ALA A 145 27.20 10.81 -2.54
N ASN A 146 26.59 11.65 -1.71
CA ASN A 146 25.42 11.24 -0.93
C ASN A 146 24.16 11.17 -1.79
N THR A 147 24.13 11.97 -2.85
CA THR A 147 23.08 11.92 -3.86
C THR A 147 23.71 11.67 -5.24
N VAL A 148 23.30 10.60 -5.89
CA VAL A 148 23.79 10.26 -7.22
C VAL A 148 22.64 10.12 -8.20
N ARG A 149 22.60 10.98 -9.22
CA ARG A 149 21.62 10.84 -10.29
C ARG A 149 22.28 10.42 -11.61
N LEU A 150 22.00 9.17 -11.99
CA LEU A 150 22.55 8.59 -13.21
C LEU A 150 21.73 9.00 -14.43
N LYS A 151 22.44 9.30 -15.52
CA LYS A 151 21.82 9.71 -16.76
C LYS A 151 22.15 8.75 -17.91
N GLU A 152 21.17 8.55 -18.79
CA GLU A 152 21.38 7.82 -20.02
C GLU A 152 20.74 8.60 -21.15
N HIS A 153 21.53 8.89 -22.18
CA HIS A 153 21.13 9.72 -23.33
C HIS A 153 20.52 11.06 -22.90
N ASP A 154 21.23 11.74 -22.00
CA ASP A 154 20.83 13.04 -21.45
C ASP A 154 19.45 13.06 -20.77
N GLN A 155 18.94 11.86 -20.46
CA GLN A 155 17.72 11.71 -19.66
C GLN A 155 18.04 11.08 -18.30
N ASP A 156 17.51 11.69 -17.25
CA ASP A 156 17.61 11.15 -15.90
C ASP A 156 16.93 9.79 -15.83
N VAL A 157 17.65 8.81 -15.28
CA VAL A 157 17.23 7.43 -15.37
C VAL A 157 17.20 6.71 -14.01
N LEU A 158 17.98 7.23 -13.05
CA LEU A 158 18.02 6.69 -11.69
C LEU A 158 18.54 7.71 -10.69
N VAL A 159 17.89 7.80 -9.52
CA VAL A 159 18.37 8.64 -8.43
C VAL A 159 18.62 7.81 -7.18
N LEU A 160 19.89 7.73 -6.79
CA LEU A 160 20.32 6.97 -5.62
C LEU A 160 20.75 7.91 -4.52
N GLU A 161 20.41 7.57 -3.28
CA GLU A 161 20.71 8.41 -2.14
C GLU A 161 21.23 7.57 -0.98
N LYS A 162 22.31 8.03 -0.36
CA LYS A 162 22.91 7.31 0.75
C LYS A 162 22.10 7.51 2.03
N VAL A 163 21.23 6.54 2.31
CA VAL A 163 20.33 6.59 3.47
C VAL A 163 20.23 5.20 4.10
N GLN A 179 27.03 1.92 4.79
CA GLN A 179 25.63 1.90 4.38
C GLN A 179 25.49 2.13 2.87
N LYS A 180 24.71 1.27 2.22
CA LYS A 180 24.53 1.27 0.76
C LYS A 180 23.63 2.42 0.24
N TYR A 181 23.53 2.53 -1.08
CA TYR A 181 22.57 3.41 -1.74
C TYR A 181 21.20 2.75 -1.84
N THR A 182 20.14 3.54 -1.65
CA THR A 182 18.79 3.09 -1.93
C THR A 182 18.23 3.84 -3.13
N VAL A 183 17.30 3.20 -3.84
CA VAL A 183 16.64 3.82 -4.97
C VAL A 183 15.57 4.80 -4.47
N MET A 184 15.74 6.07 -4.81
CA MET A 184 14.73 7.07 -4.53
C MET A 184 13.73 7.11 -5.67
N SER A 185 14.25 7.20 -6.89
CA SER A 185 13.43 7.21 -8.10
C SER A 185 14.21 6.66 -9.30
N GLY A 186 13.49 6.31 -10.36
CA GLY A 186 14.11 5.84 -11.58
C GLY A 186 13.09 5.34 -12.57
N THR A 187 13.56 4.95 -13.76
CA THR A 187 12.71 4.33 -14.76
C THR A 187 12.54 2.87 -14.36
N PRO A 188 11.40 2.24 -14.74
CA PRO A 188 11.19 0.84 -14.40
C PRO A 188 12.36 -0.05 -14.85
N GLU A 189 12.86 0.17 -16.06
CA GLU A 189 13.99 -0.61 -16.60
C GLU A 189 15.26 -0.46 -15.78
N LYS A 190 15.59 0.77 -15.40
CA LYS A 190 16.81 1.06 -14.64
C LYS A 190 16.72 0.58 -13.20
N ILE A 191 15.52 0.64 -12.62
CA ILE A 191 15.27 0.14 -11.27
C ILE A 191 15.51 -1.38 -11.21
N LEU A 192 14.97 -2.10 -12.20
CA LEU A 192 15.19 -3.54 -12.31
C LEU A 192 16.66 -3.86 -12.52
N GLU A 193 17.30 -3.10 -13.40
CA GLU A 193 18.73 -3.25 -13.70
C GLU A 193 19.55 -3.11 -12.42
N HIS A 194 19.22 -2.10 -11.61
CA HIS A 194 19.90 -1.86 -10.35
C HIS A 194 19.68 -2.99 -9.34
N PHE A 195 18.43 -3.42 -9.20
CA PHE A 195 18.10 -4.49 -8.26
C PHE A 195 18.68 -5.84 -8.66
N LEU A 196 18.84 -6.08 -9.96
CA LEU A 196 19.54 -7.26 -10.44
C LEU A 196 21.01 -7.19 -10.07
N GLU A 197 21.68 -6.14 -10.55
CA GLU A 197 23.11 -5.93 -10.32
C GLU A 197 23.56 -6.10 -8.87
N THR A 198 22.70 -5.70 -7.93
CA THR A 198 23.08 -5.68 -6.51
C THR A 198 22.49 -6.84 -5.69
N ILE A 199 22.06 -7.90 -6.35
CA ILE A 199 21.66 -9.13 -5.66
C ILE A 199 22.89 -9.79 -5.06
N ARG A 200 22.80 -10.11 -3.78
CA ARG A 200 23.87 -10.77 -3.06
C ARG A 200 23.69 -12.27 -3.21
N LEU A 201 24.67 -12.92 -3.84
CA LEU A 201 24.60 -14.35 -4.13
C LEU A 201 25.09 -15.20 -2.95
N GLU A 202 26.03 -14.63 -2.19
CA GLU A 202 26.69 -15.33 -1.08
C GLU A 202 25.71 -15.99 -0.10
N PRO A 203 25.93 -17.29 0.21
CA PRO A 203 25.01 -18.11 1.02
C PRO A 203 24.74 -17.60 2.45
N SER A 204 25.71 -16.92 3.05
CA SER A 204 25.53 -16.30 4.37
C SER A 204 24.56 -15.11 4.31
N LEU A 205 24.52 -14.45 3.15
CA LEU A 205 23.57 -13.38 2.86
C LEU A 205 22.43 -13.93 1.98
N ASN A 206 21.56 -14.73 2.59
CA ASN A 206 20.45 -15.39 1.89
C ASN A 206 19.09 -14.77 2.19
N GLU A 207 19.00 -14.06 3.31
CA GLU A 207 17.77 -13.37 3.71
C GLU A 207 17.94 -11.84 3.62
N ALA A 208 19.19 -11.39 3.62
CA ALA A 208 19.53 -9.97 3.50
C ALA A 208 19.35 -9.43 2.07
N THR A 209 19.14 -10.33 1.12
CA THR A 209 18.80 -9.97 -0.25
C THR A 209 17.30 -10.18 -0.49
N ASP A 210 16.76 -11.23 0.11
CA ASP A 210 15.33 -11.55 0.04
C ASP A 210 14.45 -10.46 0.66
N SER A 211 15.09 -9.46 1.26
CA SER A 211 14.37 -8.32 1.83
C SER A 211 14.53 -7.04 1.00
N VAL A 212 15.67 -6.90 0.32
CA VAL A 212 15.91 -5.74 -0.56
C VAL A 212 15.10 -5.87 -1.86
N LEU A 213 15.19 -7.04 -2.49
CA LEU A 213 14.41 -7.38 -3.68
C LEU A 213 12.91 -7.37 -3.44
N ASN A 214 12.52 -7.66 -2.20
CA ASN A 214 11.12 -7.78 -1.81
C ASN A 214 10.29 -6.55 -2.15
N ASP A 215 10.89 -5.37 -1.99
CA ASP A 215 10.24 -4.12 -2.33
C ASP A 215 9.88 -4.07 -3.82
N PHE A 216 10.86 -4.35 -4.68
CA PHE A 216 10.65 -4.39 -6.12
C PHE A 216 9.66 -5.48 -6.53
N VAL A 217 9.92 -6.69 -6.05
CA VAL A 217 9.14 -7.88 -6.39
C VAL A 217 7.65 -7.72 -6.04
N MET A 218 7.38 -7.10 -4.90
CA MET A 218 6.01 -6.84 -4.47
C MET A 218 5.35 -5.70 -5.25
N MET A 219 6.12 -4.66 -5.55
CA MET A 219 5.57 -3.41 -6.07
C MET A 219 5.64 -3.20 -7.58
N HIS A 220 6.33 -4.09 -8.29
CA HIS A 220 6.53 -3.93 -9.74
C HIS A 220 5.23 -3.74 -10.53
N CYS A 221 4.15 -4.42 -10.12
CA CYS A 221 2.88 -4.37 -10.83
C CYS A 221 2.31 -2.96 -11.00
N VAL A 222 2.78 -2.03 -10.17
CA VAL A 222 2.35 -0.64 -10.22
C VAL A 222 3.03 0.13 -11.37
N PHE A 223 4.31 -0.18 -11.61
CA PHE A 223 5.10 0.60 -12.57
C PHE A 223 5.70 -0.23 -13.71
N MET A 224 5.77 -1.54 -13.52
CA MET A 224 6.33 -2.45 -14.51
C MET A 224 5.60 -3.78 -14.47
N PRO A 225 4.43 -3.87 -15.13
CA PRO A 225 3.67 -5.12 -15.15
C PRO A 225 4.39 -6.26 -15.89
N ASN A 226 3.98 -7.50 -15.61
CA ASN A 226 4.58 -8.70 -16.21
C ASN A 226 4.77 -8.66 -17.72
N THR A 227 3.91 -7.91 -18.41
CA THR A 227 4.01 -7.75 -19.87
C THR A 227 5.31 -7.07 -20.29
N GLN A 228 5.88 -6.29 -19.37
CA GLN A 228 7.18 -5.64 -19.60
C GLN A 228 8.31 -6.36 -18.86
N LEU A 229 8.03 -6.79 -17.63
CA LEU A 229 9.04 -7.40 -16.77
C LEU A 229 9.60 -8.69 -17.33
N CYS A 230 8.71 -9.57 -17.80
CA CYS A 230 9.12 -10.88 -18.31
C CYS A 230 10.04 -10.79 -19.55
N PRO A 231 9.69 -9.97 -20.56
CA PRO A 231 10.63 -9.73 -21.66
C PRO A 231 11.96 -9.14 -21.20
N ALA A 232 11.92 -8.24 -20.22
CA ALA A 232 13.12 -7.62 -19.67
C ALA A 232 14.03 -8.62 -18.97
N LEU A 233 13.43 -9.55 -18.23
CA LEU A 233 14.16 -10.60 -17.53
C LEU A 233 14.86 -11.55 -18.50
N VAL A 234 14.16 -11.89 -19.59
CA VAL A 234 14.70 -12.75 -20.65
C VAL A 234 15.92 -12.08 -21.30
N ALA A 235 15.76 -10.82 -21.68
CA ALA A 235 16.83 -10.04 -22.28
C ALA A 235 18.05 -9.92 -21.35
N HIS A 236 17.78 -9.77 -20.05
CA HIS A 236 18.86 -9.68 -19.05
C HIS A 236 19.61 -11.00 -18.89
N TYR A 237 18.86 -12.09 -18.85
CA TYR A 237 19.43 -13.43 -18.69
C TYR A 237 20.39 -13.82 -19.83
N HIS A 238 20.03 -13.45 -21.06
CA HIS A 238 20.85 -13.80 -22.23
C HIS A 238 21.86 -12.72 -22.64
N ALA A 239 21.92 -11.63 -21.88
CA ALA A 239 22.87 -10.55 -22.18
C ALA A 239 24.31 -10.97 -21.90
N GLN A 240 25.16 -10.86 -22.91
CA GLN A 240 26.56 -11.22 -22.77
C GLN A 240 27.45 -9.98 -22.62
N PRO A 241 28.55 -10.10 -21.85
CA PRO A 241 29.54 -9.03 -21.72
C PRO A 241 30.25 -8.69 -23.02
N SER A 242 30.57 -7.40 -23.19
CA SER A 242 31.33 -6.92 -24.35
C SER A 242 32.77 -6.57 -23.99
N GLN A 243 33.15 -6.84 -22.73
CA GLN A 243 34.48 -6.50 -22.22
C GLN A 243 35.06 -7.63 -21.38
N GLY A 244 36.37 -7.83 -21.50
CA GLY A 244 37.08 -8.84 -20.72
C GLY A 244 37.53 -10.05 -21.51
N THR A 245 38.51 -10.77 -20.99
CA THR A 245 38.99 -12.03 -21.57
C THR A 245 37.87 -13.09 -21.53
N GLU A 246 38.07 -14.21 -22.22
CA GLU A 246 37.07 -15.27 -22.29
C GLU A 246 36.63 -15.73 -20.91
N GLN A 247 37.58 -15.99 -20.02
CA GLN A 247 37.28 -16.41 -18.64
C GLN A 247 36.48 -15.36 -17.89
N GLU A 248 36.94 -14.11 -17.96
CA GLU A 248 36.27 -12.99 -17.31
C GLU A 248 34.82 -12.86 -17.79
N ARG A 249 34.62 -12.91 -19.11
CA ARG A 249 33.29 -12.85 -19.71
C ARG A 249 32.39 -14.00 -19.28
N MET A 250 32.95 -15.21 -19.22
CA MET A 250 32.20 -16.39 -18.79
C MET A 250 31.76 -16.26 -17.33
N ASP A 251 32.61 -15.65 -16.51
CA ASP A 251 32.29 -15.39 -15.11
C ASP A 251 31.20 -14.33 -14.94
N TYR A 252 31.34 -13.19 -15.63
CA TYR A 252 30.36 -12.11 -15.57
C TYR A 252 28.96 -12.60 -15.97
N ALA A 253 28.91 -13.39 -17.04
CA ALA A 253 27.66 -13.91 -17.57
C ALA A 253 27.00 -14.93 -16.63
N LEU A 254 27.82 -15.78 -16.01
CA LEU A 254 27.33 -16.79 -15.08
C LEU A 254 26.66 -16.15 -13.85
N ASN A 255 27.33 -15.16 -13.26
CA ASN A 255 26.81 -14.45 -12.10
C ASN A 255 25.58 -13.63 -12.42
N ASN A 256 25.58 -13.02 -13.61
CA ASN A 256 24.40 -12.35 -14.13
C ASN A 256 23.21 -13.31 -14.18
N LYS A 257 23.43 -14.46 -14.82
CA LYS A 257 22.43 -15.52 -14.93
C LYS A 257 21.95 -16.00 -13.56
N ARG A 258 22.87 -16.17 -12.62
CA ARG A 258 22.54 -16.57 -11.25
C ARG A 258 21.65 -15.54 -10.55
N ARG A 259 21.96 -14.26 -10.78
CA ARG A 259 21.19 -13.15 -10.20
C ARG A 259 19.78 -13.06 -10.77
N VAL A 260 19.64 -13.20 -12.08
CA VAL A 260 18.33 -13.22 -12.73
C VAL A 260 17.46 -14.35 -12.17
N ILE A 261 18.06 -15.53 -12.00
CA ILE A 261 17.37 -16.70 -11.43
C ILE A 261 16.85 -16.41 -10.02
N ARG A 262 17.69 -15.76 -9.19
CA ARG A 262 17.29 -15.34 -7.85
C ARG A 262 16.05 -14.46 -7.88
N LEU A 263 16.07 -13.45 -8.77
CA LEU A 263 14.94 -12.55 -8.98
C LEU A 263 13.67 -13.33 -9.35
N VAL A 264 13.80 -14.21 -10.33
CA VAL A 264 12.67 -15.01 -10.81
C VAL A 264 12.10 -15.88 -9.69
N LEU A 265 12.98 -16.45 -8.86
CA LEU A 265 12.56 -17.26 -7.71
C LEU A 265 11.78 -16.45 -6.68
N GLN A 266 12.27 -15.24 -6.40
CA GLN A 266 11.60 -14.31 -5.49
C GLN A 266 10.27 -13.82 -6.04
N TRP A 267 10.23 -13.59 -7.36
CA TRP A 267 9.03 -13.18 -8.07
C TRP A 267 7.97 -14.28 -8.07
N ALA A 268 8.38 -15.51 -8.39
CA ALA A 268 7.48 -16.67 -8.39
C ALA A 268 6.97 -17.03 -6.99
N ALA A 269 7.82 -16.86 -5.98
CA ALA A 269 7.43 -17.11 -4.59
C ALA A 269 6.37 -16.12 -4.11
N MET A 270 6.55 -14.86 -4.49
CA MET A 270 5.62 -13.78 -4.16
C MET A 270 4.21 -14.08 -4.68
N TYR A 271 4.11 -14.39 -5.97
CA TYR A 271 2.83 -14.66 -6.61
C TYR A 271 2.20 -15.97 -6.15
N GLY A 272 3.02 -17.02 -6.07
CA GLY A 272 2.56 -18.35 -5.70
C GLY A 272 1.51 -18.88 -6.67
N ASP A 273 0.33 -19.19 -6.15
CA ASP A 273 -0.77 -19.72 -6.95
C ASP A 273 -1.39 -18.69 -7.90
N LEU A 274 -1.09 -17.41 -7.66
CA LEU A 274 -1.65 -16.30 -8.44
C LEU A 274 -1.13 -16.21 -9.88
N LEU A 275 -0.08 -16.95 -10.19
CA LEU A 275 0.50 -16.97 -11.55
C LEU A 275 -0.47 -17.54 -12.58
N GLN A 276 -1.39 -18.38 -12.12
CA GLN A 276 -2.41 -18.99 -12.98
C GLN A 276 -3.32 -17.97 -13.65
N GLU A 277 -3.39 -16.77 -13.08
CA GLU A 277 -4.20 -15.69 -13.62
C GLU A 277 -3.47 -14.92 -14.72
N ASP A 278 -2.17 -15.21 -14.87
CA ASP A 278 -1.31 -14.49 -15.81
C ASP A 278 -0.66 -15.46 -16.79
N ASP A 279 -1.21 -15.51 -18.01
CA ASP A 279 -0.71 -16.40 -19.06
C ASP A 279 0.69 -16.04 -19.52
N VAL A 280 0.96 -14.73 -19.59
CA VAL A 280 2.29 -14.22 -19.94
C VAL A 280 3.33 -14.64 -18.91
N ALA A 281 2.99 -14.51 -17.62
CA ALA A 281 3.88 -14.87 -16.53
C ALA A 281 4.20 -16.37 -16.49
N MET A 282 3.19 -17.19 -16.77
CA MET A 282 3.36 -18.64 -16.79
C MET A 282 4.12 -19.11 -18.02
N ALA A 283 3.82 -18.52 -19.17
CA ALA A 283 4.53 -18.81 -20.41
C ALA A 283 6.01 -18.49 -20.26
N PHE A 284 6.30 -17.36 -19.62
CA PHE A 284 7.67 -16.93 -19.31
C PHE A 284 8.37 -17.93 -18.40
N LEU A 285 7.70 -18.33 -17.32
CA LEU A 285 8.29 -19.20 -16.30
C LEU A 285 8.60 -20.58 -16.87
N GLU A 286 7.73 -21.07 -17.75
CA GLU A 286 7.93 -22.36 -18.41
C GLU A 286 9.09 -22.30 -19.40
N GLU A 287 9.20 -21.20 -20.14
CA GLU A 287 10.30 -21.01 -21.07
C GLU A 287 11.62 -20.75 -20.34
N PHE A 288 11.56 -19.97 -19.26
CA PHE A 288 12.72 -19.64 -18.43
C PHE A 288 13.35 -20.90 -17.83
N TYR A 289 12.49 -21.78 -17.33
CA TYR A 289 12.94 -23.06 -16.74
C TYR A 289 13.67 -23.95 -17.75
N VAL A 290 13.18 -23.99 -18.98
CA VAL A 290 13.82 -24.74 -20.07
C VAL A 290 15.20 -24.15 -20.37
N SER A 291 15.28 -22.82 -20.45
CA SER A 291 16.53 -22.11 -20.70
C SER A 291 17.59 -22.39 -19.63
N VAL A 292 17.16 -22.40 -18.36
CA VAL A 292 18.07 -22.69 -17.25
C VAL A 292 18.53 -24.14 -17.27
N SER A 293 17.58 -25.05 -17.51
CA SER A 293 17.88 -26.49 -17.66
C SER A 293 18.90 -26.76 -18.74
N ASP A 294 18.71 -26.15 -19.91
CA ASP A 294 19.60 -26.32 -21.04
C ASP A 294 21.00 -25.73 -20.79
N ASP A 295 21.05 -24.60 -20.09
CA ASP A 295 22.31 -23.98 -19.69
C ASP A 295 23.06 -24.80 -18.64
N ALA A 296 22.31 -25.45 -17.75
CA ALA A 296 22.89 -26.30 -16.71
C ALA A 296 23.55 -27.54 -17.29
N ARG A 297 22.98 -28.04 -18.39
CA ARG A 297 23.51 -29.19 -19.13
C ARG A 297 24.83 -28.87 -19.85
N MET A 298 25.09 -27.58 -20.06
CA MET A 298 26.26 -27.12 -20.80
C MET A 298 27.39 -26.63 -19.88
N MET A 299 27.01 -25.89 -18.85
CA MET A 299 27.97 -25.16 -18.03
C MET A 299 28.24 -25.84 -16.69
N ALA A 300 27.46 -26.87 -16.39
CA ALA A 300 27.50 -27.55 -15.09
C ALA A 300 27.42 -26.54 -13.95
N ALA A 301 26.29 -25.84 -13.88
CA ALA A 301 26.05 -24.82 -12.88
C ALA A 301 24.56 -24.77 -12.51
N PHE A 302 24.21 -23.88 -11.59
CA PHE A 302 22.85 -23.72 -11.06
C PHE A 302 22.37 -24.98 -10.33
N LYS A 303 23.30 -25.67 -9.67
CA LYS A 303 22.98 -26.91 -8.95
C LYS A 303 22.00 -26.68 -7.80
N GLU A 304 22.16 -25.56 -7.10
CA GLU A 304 21.29 -25.21 -5.98
C GLU A 304 19.93 -24.66 -6.45
N GLN A 305 19.96 -23.93 -7.56
CA GLN A 305 18.81 -23.10 -7.98
C GLN A 305 17.86 -23.75 -8.99
N LEU A 306 18.34 -24.76 -9.71
CA LEU A 306 17.52 -25.46 -10.71
C LEU A 306 16.39 -26.32 -10.10
N PRO A 307 16.68 -27.10 -9.04
CA PRO A 307 15.60 -27.87 -8.40
C PRO A 307 14.52 -27.00 -7.75
N GLU A 308 14.92 -25.82 -7.27
CA GLU A 308 13.97 -24.86 -6.69
C GLU A 308 13.06 -24.27 -7.76
N LEU A 309 13.60 -24.11 -8.96
CA LEU A 309 12.85 -23.62 -10.10
C LEU A 309 11.91 -24.71 -10.65
N GLU A 310 12.31 -25.97 -10.48
CA GLU A 310 11.51 -27.13 -10.90
C GLU A 310 10.22 -27.27 -10.09
N LYS A 311 10.30 -27.05 -8.78
CA LYS A 311 9.14 -27.12 -7.88
C LYS A 311 7.99 -26.21 -8.29
N ILE A 312 8.33 -24.99 -8.71
CA ILE A 312 7.34 -24.00 -9.11
C ILE A 312 6.68 -24.34 -10.45
N VAL A 313 7.47 -24.89 -11.37
CA VAL A 313 6.97 -25.29 -12.68
C VAL A 313 6.33 -26.69 -12.63
N ARG A 344 -11.75 -22.96 4.60
CA ARG A 344 -11.83 -22.02 3.50
C ARG A 344 -10.54 -21.98 2.69
N GLN A 345 -10.67 -22.13 1.37
CA GLN A 345 -9.56 -22.00 0.43
C GLN A 345 -9.55 -20.62 -0.24
N PRO A 346 -8.35 -20.13 -0.64
CA PRO A 346 -8.27 -18.84 -1.33
C PRO A 346 -9.04 -18.84 -2.65
N ILE A 347 -9.86 -17.81 -2.85
CA ILE A 347 -10.60 -17.64 -4.09
C ILE A 347 -9.67 -17.09 -5.17
N ARG A 348 -9.73 -17.71 -6.35
CA ARG A 348 -8.94 -17.27 -7.49
C ARG A 348 -9.82 -16.45 -8.43
N GLY A 349 -9.19 -15.57 -9.20
CA GLY A 349 -9.90 -14.76 -10.20
C GLY A 349 -10.47 -15.60 -11.33
N SER A 350 -9.80 -16.71 -11.62
CA SER A 350 -10.20 -17.64 -12.67
C SER A 350 -11.29 -18.62 -12.22
N ASP A 351 -11.56 -18.67 -10.91
CA ASP A 351 -12.69 -19.44 -10.37
C ASP A 351 -13.99 -18.88 -10.92
N GLU A 352 -15.02 -19.71 -10.95
CA GLU A 352 -16.32 -19.29 -11.46
C GLU A 352 -17.37 -19.23 -10.36
N VAL A 353 -18.24 -18.23 -10.44
CA VAL A 353 -19.32 -18.07 -9.50
C VAL A 353 -20.69 -18.13 -10.18
N LEU A 354 -21.65 -18.74 -9.49
CA LEU A 354 -23.05 -18.67 -9.87
C LEU A 354 -23.66 -17.50 -9.10
N PHE A 355 -23.81 -16.37 -9.77
CA PHE A 355 -24.28 -15.15 -9.11
C PHE A 355 -25.63 -14.71 -9.65
N LYS A 356 -26.52 -14.34 -8.73
CA LYS A 356 -27.87 -13.89 -9.06
C LYS A 356 -27.90 -12.39 -9.30
N VAL A 357 -28.34 -11.99 -10.50
CA VAL A 357 -28.53 -10.60 -10.83
C VAL A 357 -30.03 -10.35 -10.99
N TYR A 358 -30.55 -9.41 -10.21
CA TYR A 358 -31.99 -9.19 -10.10
C TYR A 358 -32.53 -8.11 -11.04
N CYS A 359 -33.76 -8.29 -11.48
CA CYS A 359 -34.49 -7.28 -12.24
C CYS A 359 -35.42 -6.50 -11.31
N ILE A 360 -35.93 -5.38 -11.79
CA ILE A 360 -36.80 -4.50 -10.99
C ILE A 360 -37.98 -5.23 -10.32
N ASP A 361 -38.58 -6.18 -11.04
CA ASP A 361 -39.73 -6.94 -10.53
C ASP A 361 -39.35 -8.03 -9.52
N HIS A 362 -38.05 -8.14 -9.25
CA HIS A 362 -37.45 -9.07 -8.27
C HIS A 362 -37.31 -10.52 -8.72
N THR A 363 -37.50 -10.75 -10.02
CA THR A 363 -37.04 -11.99 -10.64
C THR A 363 -35.55 -11.80 -10.93
N TYR A 364 -34.84 -12.90 -11.14
CA TYR A 364 -33.39 -12.83 -11.34
C TYR A 364 -32.86 -13.77 -12.43
N THR A 365 -31.61 -13.53 -12.82
CA THR A 365 -30.87 -14.42 -13.70
C THR A 365 -29.65 -14.91 -12.93
N THR A 366 -29.34 -16.20 -13.07
CA THR A 366 -28.10 -16.74 -12.54
C THR A 366 -27.05 -16.73 -13.65
N ILE A 367 -25.99 -15.95 -13.46
CA ILE A 367 -24.90 -15.87 -14.43
C ILE A 367 -23.69 -16.69 -13.98
N ARG A 368 -23.02 -17.28 -14.96
CA ARG A 368 -21.82 -18.07 -14.72
C ARG A 368 -20.63 -17.37 -15.35
N VAL A 369 -19.87 -16.66 -14.51
CA VAL A 369 -18.72 -15.86 -14.95
C VAL A 369 -17.53 -16.06 -14.01
N PRO A 370 -16.32 -15.64 -14.45
CA PRO A 370 -15.17 -15.66 -13.54
C PRO A 370 -15.33 -14.66 -12.40
N VAL A 371 -14.67 -14.94 -11.27
CA VAL A 371 -14.69 -14.04 -10.11
C VAL A 371 -14.14 -12.66 -10.49
N ALA A 372 -13.12 -12.65 -11.34
CA ALA A 372 -12.47 -11.41 -11.75
C ALA A 372 -13.15 -10.71 -12.94
N ALA A 373 -14.36 -11.15 -13.28
CA ALA A 373 -15.11 -10.58 -14.41
C ALA A 373 -15.45 -9.12 -14.18
N SER A 374 -15.40 -8.33 -15.25
CA SER A 374 -15.75 -6.91 -15.20
C SER A 374 -17.26 -6.73 -15.28
N VAL A 375 -17.73 -5.54 -14.90
CA VAL A 375 -19.15 -5.18 -14.98
C VAL A 375 -19.65 -5.35 -16.42
N LYS A 376 -18.80 -4.99 -17.39
CA LYS A 376 -19.09 -5.17 -18.81
C LYS A 376 -19.36 -6.63 -19.16
N GLU A 377 -18.55 -7.53 -18.62
CA GLU A 377 -18.72 -8.97 -18.81
C GLU A 377 -20.00 -9.47 -18.12
N VAL A 378 -20.31 -8.87 -16.97
CA VAL A 378 -21.53 -9.17 -16.23
C VAL A 378 -22.77 -8.74 -17.02
N ILE A 379 -22.74 -7.51 -17.55
CA ILE A 379 -23.83 -6.99 -18.38
C ILE A 379 -24.07 -7.93 -19.57
N SER A 380 -22.98 -8.32 -20.23
CA SER A 380 -23.03 -9.21 -21.38
C SER A 380 -23.61 -10.59 -21.05
N ALA A 381 -23.33 -11.08 -19.83
CA ALA A 381 -23.84 -12.38 -19.38
C ALA A 381 -25.33 -12.33 -19.06
N VAL A 382 -25.79 -11.19 -18.53
CA VAL A 382 -27.21 -10.99 -18.25
C VAL A 382 -27.97 -10.80 -19.56
N ALA A 383 -27.41 -9.96 -20.44
CA ALA A 383 -27.97 -9.73 -21.77
C ALA A 383 -28.03 -11.01 -22.60
N ASP A 384 -27.12 -11.93 -22.33
CA ASP A 384 -27.12 -13.25 -22.96
C ASP A 384 -28.34 -14.08 -22.53
N LYS A 385 -28.47 -14.31 -21.21
CA LYS A 385 -29.54 -15.13 -20.64
C LYS A 385 -30.94 -14.55 -20.80
N LEU A 386 -31.05 -13.23 -20.74
CA LEU A 386 -32.35 -12.55 -20.89
C LEU A 386 -32.65 -12.14 -22.33
N GLY A 387 -31.61 -12.09 -23.17
CA GLY A 387 -31.74 -11.61 -24.54
C GLY A 387 -31.95 -10.11 -24.53
N SER A 388 -30.88 -9.34 -24.74
CA SER A 388 -30.97 -7.88 -24.62
C SER A 388 -30.12 -7.08 -25.62
N GLY A 389 -30.68 -5.95 -26.03
CA GLY A 389 -29.97 -4.88 -26.71
C GLY A 389 -30.57 -3.58 -26.23
N GLU A 390 -30.80 -3.51 -24.91
CA GLU A 390 -31.61 -2.46 -24.30
C GLU A 390 -30.89 -1.64 -23.21
N GLY A 391 -29.57 -1.53 -23.35
CA GLY A 391 -28.75 -0.64 -22.52
C GLY A 391 -28.83 -0.83 -21.01
N LEU A 392 -28.40 -1.99 -20.54
CA LEU A 392 -28.39 -2.31 -19.12
C LEU A 392 -27.28 -1.60 -18.35
N ILE A 393 -27.56 -1.28 -17.09
CA ILE A 393 -26.52 -0.87 -16.13
C ILE A 393 -26.58 -1.78 -14.90
N ILE A 394 -25.44 -1.99 -14.27
CA ILE A 394 -25.38 -2.78 -13.03
C ILE A 394 -25.34 -1.83 -11.83
N VAL A 395 -26.19 -2.11 -10.85
CA VAL A 395 -26.31 -1.28 -9.66
C VAL A 395 -26.37 -2.10 -8.37
N LYS A 396 -25.49 -1.77 -7.42
CA LYS A 396 -25.52 -2.34 -6.08
C LYS A 396 -26.63 -1.68 -5.26
N MET A 397 -27.31 -2.47 -4.44
CA MET A 397 -28.28 -1.91 -3.51
C MET A 397 -28.17 -2.50 -2.10
N ASN A 398 -28.17 -1.60 -1.12
CA ASN A 398 -28.20 -1.93 0.29
C ASN A 398 -29.58 -2.38 0.74
N SER A 399 -29.64 -2.92 1.96
CA SER A 399 -30.88 -3.24 2.63
C SER A 399 -31.73 -1.99 2.90
N GLY A 400 -31.06 -0.83 2.98
CA GLY A 400 -31.74 0.42 3.27
C GLY A 400 -32.21 1.22 2.07
N GLY A 401 -32.09 0.65 0.87
CA GLY A 401 -32.54 1.31 -0.37
C GLY A 401 -31.47 2.11 -1.11
N GLU A 402 -30.33 2.29 -0.46
CA GLU A 402 -29.21 3.06 -0.99
C GLU A 402 -28.58 2.37 -2.21
N LYS A 403 -28.41 3.12 -3.29
CA LYS A 403 -28.00 2.57 -4.59
C LYS A 403 -26.71 3.17 -5.13
N VAL A 404 -25.89 2.33 -5.75
CA VAL A 404 -24.68 2.78 -6.44
C VAL A 404 -24.62 2.17 -7.84
N VAL A 405 -24.49 3.03 -8.85
CA VAL A 405 -24.27 2.61 -10.24
C VAL A 405 -22.81 2.21 -10.43
N LEU A 406 -22.59 1.02 -10.97
CA LEU A 406 -21.23 0.54 -11.19
C LEU A 406 -20.77 0.90 -12.60
N LYS A 407 -19.54 1.39 -12.71
CA LYS A 407 -18.93 1.69 -14.01
C LYS A 407 -18.61 0.40 -14.76
N SER A 408 -18.64 0.47 -16.08
CA SER A 408 -18.31 -0.67 -16.95
C SER A 408 -16.88 -1.16 -16.68
N ASN A 409 -16.07 -0.24 -16.16
CA ASN A 409 -14.67 -0.44 -15.85
C ASN A 409 -14.42 -1.35 -14.65
N ASP A 410 -15.38 -1.38 -13.72
CA ASP A 410 -15.22 -2.06 -12.43
C ASP A 410 -15.07 -3.57 -12.56
N VAL A 411 -14.12 -4.12 -11.82
CA VAL A 411 -13.83 -5.56 -11.87
C VAL A 411 -14.05 -6.26 -10.52
N SER A 412 -14.49 -7.51 -10.59
CA SER A 412 -14.74 -8.34 -9.40
C SER A 412 -15.57 -7.61 -8.33
N VAL A 413 -16.83 -7.32 -8.68
CA VAL A 413 -17.70 -6.52 -7.82
C VAL A 413 -18.54 -7.35 -6.85
N PHE A 414 -18.59 -8.66 -7.09
CA PHE A 414 -19.42 -9.58 -6.31
C PHE A 414 -19.14 -9.56 -4.81
N THR A 415 -17.87 -9.40 -4.45
CA THR A 415 -17.46 -9.44 -3.05
C THR A 415 -17.33 -8.05 -2.42
N THR A 416 -17.59 -7.01 -3.22
CA THR A 416 -17.53 -5.63 -2.72
C THR A 416 -18.91 -5.17 -2.22
N LEU A 417 -19.90 -6.05 -2.31
CA LEU A 417 -21.24 -5.79 -1.80
C LEU A 417 -21.23 -5.66 -0.28
N THR A 418 -22.24 -4.96 0.26
CA THR A 418 -22.48 -4.95 1.70
C THR A 418 -22.99 -6.33 2.13
N ILE A 419 -23.03 -6.57 3.45
CA ILE A 419 -23.44 -7.87 3.99
C ILE A 419 -24.74 -8.39 3.35
N ASN A 420 -25.71 -7.49 3.22
CA ASN A 420 -27.02 -7.83 2.69
C ASN A 420 -27.31 -7.15 1.35
N GLY A 421 -26.25 -6.77 0.65
CA GLY A 421 -26.37 -6.12 -0.66
C GLY A 421 -26.73 -7.10 -1.76
N ARG A 422 -27.43 -6.61 -2.77
CA ARG A 422 -27.73 -7.41 -3.96
C ARG A 422 -27.38 -6.64 -5.23
N LEU A 423 -27.23 -7.37 -6.33
CA LEU A 423 -26.82 -6.79 -7.59
C LEU A 423 -27.99 -6.75 -8.55
N PHE A 424 -28.16 -5.62 -9.21
CA PHE A 424 -29.32 -5.37 -10.06
C PHE A 424 -28.93 -4.98 -11.48
N ALA A 425 -29.74 -5.39 -12.45
CA ALA A 425 -29.57 -4.99 -13.85
C ALA A 425 -30.85 -4.34 -14.37
N CYS A 426 -30.72 -3.12 -14.90
CA CYS A 426 -31.86 -2.33 -15.34
C CYS A 426 -31.40 -1.22 -16.29
N PRO A 427 -32.34 -0.68 -17.10
CA PRO A 427 -32.03 0.54 -17.84
C PRO A 427 -31.98 1.73 -16.88
N ARG A 428 -31.30 2.81 -17.28
CA ARG A 428 -31.07 3.96 -16.41
C ARG A 428 -32.35 4.59 -15.84
N GLU A 429 -33.46 4.49 -16.58
CA GLU A 429 -34.72 5.10 -16.14
C GLU A 429 -35.44 4.29 -15.06
N GLN A 430 -34.99 3.06 -14.82
CA GLN A 430 -35.53 2.22 -13.76
C GLN A 430 -34.78 2.44 -12.44
N PHE A 431 -33.63 3.10 -12.51
CA PHE A 431 -32.73 3.27 -11.36
C PHE A 431 -33.43 3.75 -10.08
N ASP A 432 -34.19 4.84 -10.19
CA ASP A 432 -34.83 5.48 -9.04
C ASP A 432 -36.04 4.71 -8.50
N SER A 433 -36.54 3.76 -9.27
CA SER A 433 -37.71 2.98 -8.91
C SER A 433 -37.34 1.64 -8.26
N LEU A 434 -36.05 1.40 -8.09
CA LEU A 434 -35.57 0.16 -7.49
C LEU A 434 -35.86 0.10 -5.99
N THR A 435 -36.27 -1.08 -5.52
CA THR A 435 -36.63 -1.29 -4.13
C THR A 435 -36.02 -2.60 -3.63
N PRO A 436 -35.55 -2.63 -2.36
CA PRO A 436 -34.84 -3.81 -1.85
C PRO A 436 -35.68 -5.08 -1.79
N LEU A 437 -35.00 -6.23 -1.86
CA LEU A 437 -35.62 -7.54 -1.68
C LEU A 437 -35.87 -7.80 -0.18
N PRO A 438 -36.93 -8.58 0.14
CA PRO A 438 -37.20 -8.95 1.53
C PRO A 438 -36.04 -9.70 2.18
N GLU A 439 -35.30 -10.45 1.37
CA GLU A 439 -34.16 -11.24 1.82
C GLU A 439 -33.04 -10.38 2.41
N GLN A 440 -32.96 -9.13 1.96
CA GLN A 440 -31.92 -8.20 2.39
C GLN A 440 -32.13 -7.63 3.78
N GLU A 441 -33.34 -7.77 4.31
CA GLU A 441 -33.71 -7.09 5.56
C GLU A 441 -33.30 -7.85 6.84
N GLY A 442 -32.76 -9.05 6.68
CA GLY A 442 -32.23 -9.82 7.80
C GLY A 442 -33.29 -10.54 8.62
N PRO A 443 -32.86 -11.21 9.72
CA PRO A 443 -33.78 -12.00 10.55
C PRO A 443 -34.73 -11.13 11.36
N THR A 444 -35.81 -11.73 11.83
CA THR A 444 -36.81 -11.04 12.63
C THR A 444 -36.91 -11.60 14.04
N THR A 445 -36.36 -12.79 14.23
CA THR A 445 -36.21 -13.37 15.57
C THR A 445 -34.74 -13.64 15.84
N GLY A 446 -34.33 -13.52 17.10
CA GLY A 446 -32.94 -13.70 17.50
C GLY A 446 -32.48 -15.14 17.50
N THR A 447 -31.25 -15.35 17.97
CA THR A 447 -30.68 -16.69 18.08
C THR A 447 -30.00 -16.85 19.45
N VAL A 448 -30.44 -16.06 20.42
CA VAL A 448 -29.89 -16.09 21.78
C VAL A 448 -29.98 -17.50 22.38
N GLY A 449 -31.15 -18.13 22.26
CA GLY A 449 -31.35 -19.50 22.72
C GLY A 449 -30.26 -20.47 22.31
N THR A 450 -29.69 -20.25 21.12
CA THR A 450 -28.63 -21.09 20.60
C THR A 450 -27.25 -20.77 21.18
N PHE A 451 -26.81 -19.52 21.04
CA PHE A 451 -25.43 -19.16 21.39
C PHE A 451 -25.22 -18.78 22.86
N GLU A 452 -26.31 -18.58 23.59
CA GLU A 452 -26.26 -18.33 25.04
C GLU A 452 -25.88 -19.62 25.76
N LEU A 453 -26.25 -20.75 25.15
CA LEU A 453 -25.91 -22.09 25.64
C LEU A 453 -24.47 -22.47 25.28
N MET A 454 -23.73 -21.53 24.71
CA MET A 454 -22.35 -21.75 24.29
C MET A 454 -21.42 -20.90 25.14
N SER A 455 -20.21 -21.39 25.34
CA SER A 455 -19.23 -20.70 26.18
C SER A 455 -18.66 -19.46 25.49
N SER A 456 -18.42 -18.43 26.29
CA SER A 456 -17.80 -17.20 25.81
C SER A 456 -16.42 -17.49 25.22
N LYS A 457 -15.67 -18.37 25.88
CA LYS A 457 -14.35 -18.78 25.43
C LYS A 457 -14.40 -19.58 24.13
N ASP A 458 -15.40 -20.47 24.02
CA ASP A 458 -15.56 -21.31 22.84
C ASP A 458 -15.97 -20.51 21.61
N LEU A 459 -16.88 -19.55 21.82
CA LEU A 459 -17.31 -18.64 20.74
C LEU A 459 -16.13 -17.86 20.20
N ALA A 460 -15.38 -17.22 21.10
CA ALA A 460 -14.19 -16.45 20.74
C ALA A 460 -13.15 -17.29 20.01
N TYR A 461 -12.92 -18.51 20.49
CA TYR A 461 -11.95 -19.41 19.86
C TYR A 461 -12.36 -19.78 18.43
N GLN A 462 -13.63 -20.16 18.25
CA GLN A 462 -14.13 -20.55 16.93
C GLN A 462 -14.21 -19.36 15.99
N MET A 463 -14.40 -18.16 16.56
CA MET A 463 -14.34 -16.93 15.81
C MET A 463 -12.94 -16.65 15.29
N THR A 464 -11.95 -16.81 16.17
CA THR A 464 -10.55 -16.56 15.84
C THR A 464 -10.00 -17.59 14.85
N THR A 465 -10.43 -18.84 15.01
CA THR A 465 -10.07 -19.91 14.08
C THR A 465 -10.54 -19.56 12.67
N TYR A 466 -11.79 -19.12 12.57
CA TYR A 466 -12.42 -18.77 11.31
C TYR A 466 -11.83 -17.48 10.72
N ASP A 467 -11.56 -16.51 11.59
CA ASP A 467 -10.90 -15.27 11.20
C ASP A 467 -9.52 -15.53 10.60
N TRP A 468 -8.78 -16.48 11.19
CA TRP A 468 -7.45 -16.85 10.70
C TRP A 468 -7.48 -17.51 9.32
N GLU A 469 -8.47 -18.36 9.09
CA GLU A 469 -8.66 -18.97 7.77
C GLU A 469 -8.89 -17.89 6.72
N LEU A 470 -9.75 -16.93 7.05
CA LEU A 470 -10.05 -15.80 6.17
C LEU A 470 -8.87 -14.85 5.98
N PHE A 471 -8.10 -14.63 7.04
CA PHE A 471 -6.94 -13.75 7.02
C PHE A 471 -5.79 -14.36 6.22
N ASN A 472 -5.65 -15.69 6.30
CA ASN A 472 -4.60 -16.40 5.56
C ASN A 472 -4.92 -16.54 4.08
N CYS A 473 -6.20 -16.47 3.72
CA CYS A 473 -6.64 -16.50 2.33
C CYS A 473 -6.23 -15.23 1.58
N VAL A 474 -6.05 -14.14 2.32
CA VAL A 474 -5.66 -12.85 1.75
C VAL A 474 -4.21 -12.89 1.28
N HIS A 475 -3.97 -12.50 0.04
CA HIS A 475 -2.62 -12.41 -0.49
C HIS A 475 -2.08 -11.00 -0.29
N GLU A 476 -0.78 -10.88 -0.03
CA GLU A 476 -0.13 -9.57 0.13
C GLU A 476 -0.40 -8.65 -1.05
N LEU A 477 -0.43 -9.22 -2.26
CA LEU A 477 -0.69 -8.45 -3.48
C LEU A 477 -2.11 -7.89 -3.58
N GLU A 478 -3.06 -8.56 -2.93
CA GLU A 478 -4.45 -8.08 -2.89
C GLU A 478 -4.56 -6.73 -2.17
N LEU A 479 -3.69 -6.50 -1.20
CA LEU A 479 -3.62 -5.20 -0.53
C LEU A 479 -3.13 -4.11 -1.48
N ILE A 480 -2.23 -4.48 -2.38
CA ILE A 480 -1.69 -3.55 -3.38
C ILE A 480 -2.76 -3.22 -4.42
N TYR A 481 -3.42 -4.26 -4.97
CA TYR A 481 -4.47 -4.07 -5.98
C TYR A 481 -5.61 -3.22 -5.42
N HIS A 482 -5.98 -3.47 -4.16
CA HIS A 482 -7.07 -2.76 -3.52
C HIS A 482 -6.75 -1.27 -3.35
N THR A 483 -5.51 -0.97 -3.04
CA THR A 483 -5.08 0.40 -2.79
C THR A 483 -4.96 1.21 -4.08
N PHE A 484 -4.27 0.65 -5.07
CA PHE A 484 -4.03 1.33 -6.33
C PHE A 484 -5.21 1.21 -7.30
N GLY A 485 -6.25 0.49 -6.89
CA GLY A 485 -7.47 0.34 -7.69
C GLY A 485 -7.52 -0.94 -8.50
N ARG A 486 -8.54 -1.75 -8.26
CA ARG A 486 -8.72 -3.05 -8.91
C ARG A 486 -8.70 -2.98 -10.45
N HIS A 487 -9.41 -2.01 -11.01
CA HIS A 487 -9.54 -1.89 -12.47
C HIS A 487 -8.20 -1.73 -13.19
N ASN A 488 -7.20 -1.19 -12.49
CA ASN A 488 -5.86 -0.99 -13.05
C ASN A 488 -5.05 -2.27 -13.24
N PHE A 489 -5.52 -3.37 -12.64
CA PHE A 489 -4.78 -4.64 -12.68
C PHE A 489 -5.61 -5.76 -13.28
N LYS A 490 -6.92 -5.56 -13.32
CA LYS A 490 -7.88 -6.60 -13.73
C LYS A 490 -7.77 -7.85 -12.85
N LYS A 491 -7.46 -7.65 -11.57
CA LYS A 491 -7.32 -8.76 -10.61
C LYS A 491 -8.38 -8.66 -9.51
N THR A 492 -8.70 -9.80 -8.91
CA THR A 492 -9.64 -9.85 -7.80
C THR A 492 -8.98 -9.54 -6.46
N THR A 493 -9.75 -8.94 -5.56
CA THR A 493 -9.35 -8.79 -4.17
C THR A 493 -10.36 -9.51 -3.29
N ALA A 494 -11.00 -10.52 -3.86
CA ALA A 494 -12.11 -11.26 -3.22
C ALA A 494 -11.84 -11.78 -1.82
N ASN A 495 -10.62 -12.26 -1.57
CA ASN A 495 -10.23 -12.75 -0.27
C ASN A 495 -10.14 -11.64 0.78
N LEU A 496 -9.54 -10.52 0.40
CA LEU A 496 -9.48 -9.33 1.26
C LEU A 496 -10.88 -8.75 1.47
N ASP A 497 -11.64 -8.66 0.38
CA ASP A 497 -13.00 -8.14 0.42
C ASP A 497 -13.89 -8.87 1.42
N LEU A 498 -13.76 -10.19 1.49
CA LEU A 498 -14.59 -11.00 2.38
C LEU A 498 -14.14 -10.91 3.83
N PHE A 499 -12.83 -10.80 4.03
CA PHE A 499 -12.27 -10.64 5.36
C PHE A 499 -12.57 -9.26 5.94
N LEU A 500 -12.55 -8.23 5.10
CA LEU A 500 -12.93 -6.88 5.52
C LEU A 500 -14.43 -6.79 5.82
N ARG A 501 -15.22 -7.54 5.06
CA ARG A 501 -16.67 -7.62 5.28
C ARG A 501 -17.00 -8.27 6.63
N ARG A 502 -16.17 -9.22 7.07
CA ARG A 502 -16.37 -9.93 8.34
C ARG A 502 -16.37 -8.98 9.54
N PHE A 503 -15.59 -7.91 9.46
CA PHE A 503 -15.59 -6.90 10.51
C PHE A 503 -16.99 -6.35 10.70
N ASN A 504 -17.63 -5.95 9.59
CA ASN A 504 -19.00 -5.47 9.62
C ASN A 504 -20.01 -6.54 10.03
N GLU A 505 -19.75 -7.78 9.61
CA GLU A 505 -20.61 -8.92 9.96
C GLU A 505 -20.68 -9.15 11.47
N ILE A 506 -19.52 -9.09 12.14
CA ILE A 506 -19.44 -9.27 13.58
C ILE A 506 -20.06 -8.08 14.31
N GLN A 507 -19.74 -6.87 13.86
CA GLN A 507 -20.31 -5.65 14.41
C GLN A 507 -21.84 -5.72 14.40
N PHE A 508 -22.42 -5.95 13.23
CA PHE A 508 -23.87 -5.97 13.07
C PHE A 508 -24.55 -7.19 13.71
N TRP A 509 -23.80 -8.26 13.91
CA TRP A 509 -24.28 -9.43 14.66
C TRP A 509 -24.65 -9.04 16.10
N VAL A 510 -23.73 -8.32 16.75
CA VAL A 510 -23.95 -7.81 18.10
C VAL A 510 -25.20 -6.92 18.15
N VAL A 511 -25.26 -5.92 17.28
CA VAL A 511 -26.39 -4.99 17.24
C VAL A 511 -27.71 -5.71 16.99
N THR A 512 -27.70 -6.63 16.03
CA THR A 512 -28.86 -7.44 15.68
C THR A 512 -29.42 -8.22 16.88
N GLU A 513 -28.54 -8.94 17.57
CA GLU A 513 -28.96 -9.79 18.68
C GLU A 513 -29.49 -8.98 19.88
N VAL A 514 -28.82 -7.87 20.18
CA VAL A 514 -29.29 -6.97 21.24
C VAL A 514 -30.67 -6.39 20.90
N CYS A 515 -30.82 -5.94 19.64
CA CYS A 515 -32.06 -5.32 19.19
C CYS A 515 -33.23 -6.29 18.98
N LEU A 516 -32.93 -7.58 18.88
CA LEU A 516 -33.95 -8.61 18.75
C LEU A 516 -34.24 -9.33 20.07
N CYS A 517 -33.72 -8.75 21.15
CA CYS A 517 -33.89 -9.30 22.50
C CYS A 517 -34.88 -8.44 23.29
N SER A 518 -36.13 -8.88 23.32
CA SER A 518 -37.23 -8.13 23.94
C SER A 518 -37.20 -8.10 25.47
N GLN A 519 -36.76 -9.21 26.07
CA GLN A 519 -36.66 -9.32 27.53
C GLN A 519 -35.42 -8.57 28.04
N LEU A 520 -35.64 -7.58 28.90
CA LEU A 520 -34.58 -6.72 29.43
C LEU A 520 -33.51 -7.47 30.21
N SER A 521 -33.92 -8.41 31.06
CA SER A 521 -32.98 -9.18 31.88
C SER A 521 -32.02 -10.02 31.03
N LYS A 522 -32.55 -10.60 29.95
CA LYS A 522 -31.73 -11.35 28.99
C LYS A 522 -30.81 -10.43 28.19
N ARG A 523 -31.27 -9.20 27.97
CA ARG A 523 -30.51 -8.21 27.21
C ARG A 523 -29.27 -7.74 27.97
N VAL A 524 -29.37 -7.70 29.29
CA VAL A 524 -28.22 -7.38 30.16
C VAL A 524 -27.22 -8.54 30.12
N GLN A 525 -27.73 -9.76 30.03
CA GLN A 525 -26.89 -10.96 29.91
C GLN A 525 -26.16 -11.01 28.58
N LEU A 526 -26.79 -10.49 27.53
CA LEU A 526 -26.16 -10.38 26.21
C LEU A 526 -24.98 -9.41 26.23
N LEU A 527 -25.21 -8.20 26.74
CA LEU A 527 -24.14 -7.21 26.91
C LEU A 527 -22.97 -7.78 27.70
N LYS A 528 -23.28 -8.54 28.75
CA LYS A 528 -22.28 -9.20 29.58
C LYS A 528 -21.50 -10.23 28.77
N LYS A 529 -22.22 -10.98 27.92
CA LYS A 529 -21.60 -12.03 27.12
C LYS A 529 -20.70 -11.46 26.02
N PHE A 530 -21.20 -10.47 25.28
CA PHE A 530 -20.42 -9.83 24.22
C PHE A 530 -19.13 -9.22 24.74
N ILE A 531 -19.22 -8.53 25.88
CA ILE A 531 -18.04 -7.98 26.55
C ILE A 531 -17.01 -9.08 26.87
N LYS A 532 -17.50 -10.22 27.35
CA LYS A 532 -16.67 -11.39 27.63
C LYS A 532 -16.03 -11.96 26.36
N ILE A 533 -16.84 -12.15 25.32
CA ILE A 533 -16.35 -12.65 24.03
C ILE A 533 -15.27 -11.72 23.46
N ALA A 534 -15.48 -10.41 23.59
CA ALA A 534 -14.50 -9.41 23.19
C ALA A 534 -13.18 -9.56 23.95
N ALA A 535 -13.29 -9.80 25.25
CA ALA A 535 -12.12 -9.96 26.12
C ALA A 535 -11.30 -11.20 25.75
N HIS A 536 -11.99 -12.29 25.44
CA HIS A 536 -11.33 -13.53 25.03
C HIS A 536 -10.68 -13.41 23.66
N CYS A 537 -11.31 -12.65 22.77
CA CYS A 537 -10.75 -12.36 21.45
C CYS A 537 -9.43 -11.59 21.57
N LYS A 538 -9.39 -10.64 22.50
CA LYS A 538 -8.18 -9.86 22.76
C LYS A 538 -7.06 -10.72 23.36
N GLU A 539 -7.46 -11.75 24.13
CA GLU A 539 -6.50 -12.70 24.68
C GLU A 539 -5.83 -13.52 23.58
N TYR A 540 -6.63 -13.96 22.61
CA TYR A 540 -6.13 -14.71 21.47
C TYR A 540 -5.40 -13.83 20.45
N LYS A 541 -5.28 -12.53 20.78
CA LYS A 541 -4.63 -11.53 19.92
C LYS A 541 -5.39 -11.27 18.61
N ASN A 542 -6.66 -11.64 18.59
CA ASN A 542 -7.58 -11.30 17.52
C ASN A 542 -8.16 -9.91 17.76
N LEU A 543 -7.36 -8.89 17.47
CA LEU A 543 -7.75 -7.50 17.73
C LEU A 543 -8.86 -7.00 16.81
N ASN A 544 -8.94 -7.59 15.61
CA ASN A 544 -9.96 -7.23 14.63
C ASN A 544 -11.39 -7.51 15.13
N SER A 545 -11.63 -8.76 15.52
CA SER A 545 -12.93 -9.17 16.07
C SER A 545 -13.24 -8.53 17.41
N PHE A 546 -12.18 -8.22 18.17
CA PHE A 546 -12.31 -7.52 19.44
C PHE A 546 -12.91 -6.13 19.24
N PHE A 547 -12.31 -5.35 18.33
CA PHE A 547 -12.79 -4.01 18.02
C PHE A 547 -14.16 -4.01 17.36
N ALA A 548 -14.45 -5.07 16.61
CA ALA A 548 -15.74 -5.23 15.93
C ALA A 548 -16.89 -5.38 16.94
N ILE A 549 -16.64 -6.17 17.99
CA ILE A 549 -17.62 -6.37 19.05
C ILE A 549 -17.80 -5.09 19.88
N VAL A 550 -16.69 -4.45 20.24
CA VAL A 550 -16.72 -3.23 21.03
C VAL A 550 -17.43 -2.09 20.27
N MET A 551 -17.23 -2.04 18.96
CA MET A 551 -17.90 -1.05 18.11
C MET A 551 -19.39 -1.37 17.92
N GLY A 552 -19.72 -2.66 17.92
CA GLY A 552 -21.12 -3.10 17.89
C GLY A 552 -21.85 -2.67 19.16
N LEU A 553 -21.16 -2.78 20.29
CA LEU A 553 -21.66 -2.28 21.57
C LEU A 553 -21.80 -0.75 21.58
N SER A 554 -20.89 -0.06 20.89
CA SER A 554 -20.91 1.40 20.83
C SER A 554 -21.95 1.95 19.87
N ASN A 555 -22.58 1.08 19.09
CA ASN A 555 -23.60 1.48 18.12
C ASN A 555 -24.74 2.25 18.77
N VAL A 556 -25.23 3.26 18.06
CA VAL A 556 -26.28 4.14 18.56
C VAL A 556 -27.50 3.37 19.06
N ALA A 557 -27.85 2.29 18.36
CA ALA A 557 -28.96 1.43 18.76
C ALA A 557 -28.74 0.72 20.09
N VAL A 558 -27.48 0.39 20.38
CA VAL A 558 -27.14 -0.34 21.62
C VAL A 558 -26.85 0.61 22.78
N SER A 559 -26.05 1.65 22.52
CA SER A 559 -25.68 2.64 23.55
C SER A 559 -26.89 3.42 24.10
N ARG A 560 -27.95 3.48 23.30
CA ARG A 560 -29.23 4.10 23.68
C ARG A 560 -29.90 3.46 24.88
N LEU A 561 -29.72 2.16 25.03
CA LEU A 561 -30.47 1.37 26.01
C LEU A 561 -29.97 1.60 27.45
N ALA A 562 -30.30 2.77 27.98
CA ALA A 562 -29.86 3.22 29.30
C ALA A 562 -30.28 2.25 30.41
N LEU A 563 -31.50 1.75 30.35
CA LEU A 563 -32.01 0.79 31.33
C LEU A 563 -31.26 -0.55 31.30
N THR A 564 -30.71 -0.90 30.14
CA THR A 564 -29.89 -2.11 29.99
C THR A 564 -28.48 -1.87 30.52
N TRP A 565 -27.90 -0.73 30.16
CA TRP A 565 -26.54 -0.37 30.57
C TRP A 565 -26.43 -0.08 32.07
N GLU A 566 -27.45 0.58 32.61
CA GLU A 566 -27.52 0.89 34.05
C GLU A 566 -27.56 -0.38 34.89
N LYS A 567 -28.33 -1.37 34.44
CA LYS A 567 -28.53 -2.61 35.19
C LYS A 567 -27.37 -3.61 35.00
N LEU A 568 -26.30 -3.17 34.36
CA LEU A 568 -25.11 -4.01 34.15
C LEU A 568 -24.12 -3.84 35.30
N PRO A 569 -23.58 -4.96 35.82
CA PRO A 569 -22.59 -4.96 36.91
C PRO A 569 -21.42 -4.02 36.63
N SER A 570 -20.97 -3.30 37.68
CA SER A 570 -19.90 -2.31 37.54
C SER A 570 -18.57 -2.90 37.08
N LYS A 571 -18.41 -4.22 37.25
CA LYS A 571 -17.23 -4.94 36.80
C LYS A 571 -17.14 -4.92 35.26
N PHE A 572 -18.26 -5.23 34.61
CA PHE A 572 -18.31 -5.28 33.15
C PHE A 572 -18.46 -3.90 32.53
N LYS A 573 -18.97 -2.95 33.32
CA LYS A 573 -19.02 -1.55 32.91
C LYS A 573 -17.62 -0.96 32.93
N LYS A 574 -16.80 -1.43 33.87
CA LYS A 574 -15.39 -1.07 33.98
C LYS A 574 -14.61 -1.70 32.82
N PHE A 575 -14.87 -2.99 32.56
CA PHE A 575 -14.24 -3.72 31.45
C PHE A 575 -14.44 -2.99 30.12
N TYR A 576 -15.69 -2.67 29.82
CA TYR A 576 -16.06 -2.04 28.56
C TYR A 576 -15.47 -0.64 28.39
N ALA A 577 -15.41 0.12 29.47
CA ALA A 577 -14.83 1.46 29.47
C ALA A 577 -13.36 1.43 29.03
N GLU A 578 -12.64 0.41 29.51
CA GLU A 578 -11.25 0.18 29.14
C GLU A 578 -11.14 -0.20 27.66
N PHE A 579 -12.07 -1.03 27.20
CA PHE A 579 -12.12 -1.43 25.79
C PHE A 579 -12.41 -0.24 24.88
N GLU A 580 -13.33 0.61 25.30
CA GLU A 580 -13.73 1.79 24.53
C GLU A 580 -12.63 2.84 24.44
N SER A 581 -11.74 2.85 25.43
CA SER A 581 -10.59 3.76 25.43
C SER A 581 -9.44 3.24 24.56
N LEU A 582 -9.44 1.93 24.28
CA LEU A 582 -8.45 1.32 23.40
C LEU A 582 -8.60 1.76 21.94
N MET A 583 -9.79 2.24 21.59
CA MET A 583 -10.07 2.69 20.23
C MET A 583 -9.98 4.22 20.11
N ASP A 584 -9.37 4.86 21.10
CA ASP A 584 -9.17 6.30 21.10
C ASP A 584 -8.40 6.72 19.86
N PRO A 585 -9.00 7.59 19.02
CA PRO A 585 -8.37 8.04 17.78
C PRO A 585 -7.22 9.02 18.00
N SER A 586 -7.04 9.46 19.25
CA SER A 586 -6.06 10.47 19.61
C SER A 586 -4.63 10.07 19.25
N ARG A 587 -3.89 11.05 18.74
CA ARG A 587 -2.49 10.87 18.33
C ARG A 587 -2.31 9.63 17.45
N ASN A 588 -3.03 9.64 16.32
CA ASN A 588 -3.02 8.57 15.32
C ASN A 588 -3.30 7.17 15.90
N HIS A 589 -4.44 7.05 16.59
CA HIS A 589 -4.84 5.81 17.26
C HIS A 589 -3.73 5.23 18.14
N ARG A 590 -3.08 6.10 18.90
CA ARG A 590 -1.95 5.75 19.76
C ARG A 590 -2.26 4.58 20.70
N ALA A 591 -3.48 4.59 21.26
CA ALA A 591 -3.91 3.56 22.20
C ALA A 591 -3.89 2.16 21.59
N TYR A 592 -4.41 2.02 20.38
CA TYR A 592 -4.37 0.74 19.67
C TYR A 592 -2.96 0.38 19.22
N ARG A 593 -2.28 1.35 18.60
CA ARG A 593 -0.96 1.13 18.01
C ARG A 593 0.06 0.59 18.99
N LEU A 594 0.03 1.11 20.21
CA LEU A 594 0.90 0.65 21.29
C LEU A 594 0.52 -0.75 21.79
N THR A 595 -0.78 -1.01 21.88
CA THR A 595 -1.30 -2.32 22.28
C THR A 595 -0.80 -3.41 21.33
N ALA A 596 -0.94 -3.16 20.02
CA ALA A 596 -0.56 -4.09 18.97
C ALA A 596 0.97 -4.25 18.84
N ALA A 597 1.70 -3.19 19.18
CA ALA A 597 3.16 -3.21 19.13
C ALA A 597 3.74 -4.12 20.22
N LYS A 598 3.07 -4.18 21.38
CA LYS A 598 3.49 -5.03 22.50
C LYS A 598 3.34 -6.52 22.19
N LEU A 599 2.42 -6.85 21.31
CA LEU A 599 2.07 -8.24 21.02
C LEU A 599 3.08 -8.95 20.13
N GLU A 600 3.14 -10.28 20.26
CA GLU A 600 4.01 -11.12 19.45
C GLU A 600 3.30 -11.57 18.18
N PRO A 601 4.07 -11.88 17.11
CA PRO A 601 3.60 -12.20 15.75
C PRO A 601 2.18 -12.78 15.55
N PRO A 602 1.84 -13.95 16.15
CA PRO A 602 0.52 -14.49 15.76
C PRO A 602 -0.67 -13.64 16.26
N LEU A 603 -1.09 -12.68 15.44
CA LEU A 603 -2.16 -11.75 15.80
C LEU A 603 -2.93 -11.26 14.57
N ILE A 604 -4.19 -10.88 14.79
CA ILE A 604 -5.01 -10.30 13.73
C ILE A 604 -5.20 -8.81 14.02
N PRO A 605 -4.65 -7.94 13.15
CA PRO A 605 -4.67 -6.52 13.40
C PRO A 605 -6.04 -5.89 13.15
N PHE A 606 -6.21 -4.67 13.64
CA PHE A 606 -7.39 -3.87 13.39
C PHE A 606 -7.40 -3.42 11.91
N MET A 607 -8.13 -4.17 11.11
CA MET A 607 -8.09 -4.05 9.64
C MET A 607 -8.47 -2.69 9.05
N PRO A 608 -9.54 -2.05 9.56
CA PRO A 608 -9.89 -0.73 9.02
C PRO A 608 -8.75 0.29 9.11
N LEU A 609 -7.92 0.20 10.15
CA LEU A 609 -6.80 1.13 10.29
C LEU A 609 -5.66 0.81 9.32
N LEU A 610 -5.47 -0.47 9.03
CA LEU A 610 -4.50 -0.89 8.05
C LEU A 610 -4.85 -0.34 6.66
N ILE A 611 -6.14 -0.47 6.29
CA ILE A 611 -6.66 0.05 5.03
C ILE A 611 -6.51 1.57 4.96
N LYS A 612 -6.68 2.23 6.10
CA LYS A 612 -6.48 3.68 6.21
C LYS A 612 -5.03 4.08 5.94
N ASP A 613 -4.09 3.39 6.59
CA ASP A 613 -2.66 3.60 6.37
C ASP A 613 -2.29 3.45 4.90
N MET A 614 -2.86 2.42 4.28
CA MET A 614 -2.62 2.10 2.89
C MET A 614 -3.19 3.18 1.97
N THR A 615 -4.41 3.65 2.28
CA THR A 615 -5.06 4.69 1.50
C THR A 615 -4.29 6.00 1.54
N PHE A 616 -3.87 6.40 2.74
CA PHE A 616 -3.17 7.68 2.94
C PHE A 616 -1.73 7.69 2.44
N THR A 617 -1.11 6.51 2.38
CA THR A 617 0.20 6.37 1.75
C THR A 617 0.07 6.63 0.24
N HIS A 618 -1.01 6.13 -0.35
CA HIS A 618 -1.25 6.29 -1.78
C HIS A 618 -1.69 7.69 -2.18
N GLU A 619 -2.65 8.27 -1.45
CA GLU A 619 -3.12 9.60 -1.74
C GLU A 619 -2.18 10.70 -1.26
N GLY A 620 -1.36 10.40 -0.26
CA GLY A 620 -0.44 11.37 0.31
C GLY A 620 0.86 11.52 -0.46
N ASN A 621 1.17 10.51 -1.27
CA ASN A 621 2.43 10.47 -2.01
C ASN A 621 2.19 10.18 -3.47
N LYS A 622 2.99 10.81 -4.33
CA LYS A 622 2.82 10.63 -5.76
C LYS A 622 3.62 9.43 -6.27
N THR A 623 3.04 8.70 -7.22
CA THR A 623 3.67 7.50 -7.77
C THR A 623 4.79 7.87 -8.73
N PHE A 624 4.64 9.00 -9.41
CA PHE A 624 5.65 9.49 -10.35
C PHE A 624 6.14 10.88 -9.98
N ILE A 625 7.45 10.98 -9.77
CA ILE A 625 8.11 12.27 -9.54
C ILE A 625 9.04 12.56 -10.72
N ASP A 626 8.83 13.70 -11.37
CA ASP A 626 9.66 14.14 -12.50
C ASP A 626 9.66 13.09 -13.62
N ASN A 627 8.53 12.40 -13.79
CA ASN A 627 8.36 11.31 -14.76
C ASN A 627 9.08 10.00 -14.39
N LEU A 628 9.77 9.99 -13.26
CA LEU A 628 10.40 8.78 -12.75
C LEU A 628 9.54 8.15 -11.66
N VAL A 629 9.66 6.83 -11.51
CA VAL A 629 8.93 6.10 -10.47
C VAL A 629 9.42 6.50 -9.09
N ASN A 630 8.50 6.99 -8.26
CA ASN A 630 8.80 7.33 -6.87
C ASN A 630 8.93 6.07 -6.03
N PHE A 631 10.16 5.56 -5.93
CA PHE A 631 10.38 4.29 -5.23
C PHE A 631 10.36 4.42 -3.71
N GLU A 632 10.54 5.65 -3.23
CA GLU A 632 10.36 5.99 -1.82
C GLU A 632 8.93 5.61 -1.40
N LYS A 633 7.95 5.99 -2.22
CA LYS A 633 6.55 5.63 -2.02
C LYS A 633 6.32 4.12 -2.09
N MET A 634 6.89 3.49 -3.12
CA MET A 634 6.78 2.04 -3.32
C MET A 634 7.26 1.29 -2.08
N ARG A 635 8.37 1.77 -1.51
CA ARG A 635 8.96 1.20 -0.31
C ARG A 635 8.05 1.36 0.92
N MET A 636 7.32 2.47 0.98
CA MET A 636 6.40 2.73 2.09
C MET A 636 5.20 1.79 2.07
N ILE A 637 4.60 1.63 0.88
CA ILE A 637 3.49 0.71 0.68
C ILE A 637 3.91 -0.72 1.02
N ALA A 638 5.12 -1.10 0.58
CA ALA A 638 5.65 -2.44 0.81
C ALA A 638 5.83 -2.75 2.30
N ASN A 639 6.34 -1.78 3.05
CA ASN A 639 6.50 -1.93 4.51
C ASN A 639 5.18 -2.19 5.22
N THR A 640 4.13 -1.49 4.79
CA THR A 640 2.79 -1.63 5.39
C THR A 640 2.18 -2.99 5.07
N ALA A 641 2.46 -3.49 3.87
CA ALA A 641 1.98 -4.81 3.46
C ALA A 641 2.75 -5.93 4.18
N ARG A 642 4.07 -5.75 4.31
CA ARG A 642 4.92 -6.70 5.05
C ARG A 642 4.54 -6.79 6.52
N THR A 643 3.89 -5.74 7.02
CA THR A 643 3.30 -5.72 8.35
C THR A 643 2.31 -6.87 8.53
N VAL A 644 1.51 -7.14 7.49
CA VAL A 644 0.59 -8.28 7.47
C VAL A 644 1.34 -9.62 7.45
N ARG A 645 2.47 -9.66 6.74
CA ARG A 645 3.32 -10.86 6.68
C ARG A 645 3.88 -11.19 8.06
N TYR A 646 4.26 -10.15 8.80
CA TYR A 646 4.76 -10.29 10.17
C TYR A 646 3.69 -10.84 11.11
N TYR A 647 2.45 -10.39 10.92
CA TYR A 647 1.35 -10.84 11.78
C TYR A 647 0.95 -12.29 11.54
N ARG A 648 1.29 -12.83 10.38
CA ARG A 648 0.93 -14.21 10.03
C ARG A 648 2.13 -15.15 10.02
N SER A 649 3.28 -14.64 10.47
CA SER A 649 4.54 -15.40 10.45
C SER A 649 4.52 -16.64 11.36
N GLN A 650 3.68 -16.60 12.38
CA GLN A 650 3.53 -17.73 13.31
C GLN A 650 2.13 -18.33 13.24
N PRO A 651 2.00 -19.66 13.44
CA PRO A 651 0.69 -20.30 13.41
C PRO A 651 -0.13 -20.02 14.67
N PHE A 652 -1.41 -20.40 14.64
CA PHE A 652 -2.34 -20.13 15.75
C PHE A 652 -2.65 -21.38 16.58
N ASN A 653 -2.66 -21.22 17.91
CA ASN A 653 -3.03 -22.29 18.84
C ASN A 653 -4.32 -22.02 19.59
N HIS A 663 -16.30 -29.16 18.89
CA HIS A 663 -17.51 -28.35 19.02
C HIS A 663 -18.05 -27.90 17.66
N GLN A 664 -18.56 -28.87 16.89
CA GLN A 664 -19.13 -28.62 15.57
C GLN A 664 -20.32 -27.65 15.60
N ASP A 665 -21.07 -27.68 16.70
CA ASP A 665 -22.24 -26.81 16.88
C ASP A 665 -21.84 -25.34 17.02
N VAL A 666 -20.72 -25.10 17.70
CA VAL A 666 -20.21 -23.73 17.90
C VAL A 666 -19.53 -23.23 16.61
N ARG A 667 -18.87 -24.14 15.91
CA ARG A 667 -18.21 -23.82 14.64
C ARG A 667 -19.25 -23.41 13.59
N SER A 668 -20.38 -24.11 13.56
CA SER A 668 -21.45 -23.85 12.60
C SER A 668 -22.11 -22.48 12.77
N TYR A 669 -22.39 -22.10 14.02
CA TYR A 669 -23.05 -20.83 14.30
C TYR A 669 -22.20 -19.63 13.89
N VAL A 670 -20.92 -19.69 14.26
CA VAL A 670 -19.96 -18.61 14.05
C VAL A 670 -19.70 -18.35 12.56
N ARG A 671 -19.78 -19.40 11.75
CA ARG A 671 -19.46 -19.33 10.32
C ARG A 671 -20.70 -19.13 9.45
N GLN A 672 -21.86 -18.98 10.07
CA GLN A 672 -23.13 -18.82 9.34
C GLN A 672 -24.03 -17.77 9.98
N LEU A 673 -23.44 -16.64 10.34
CA LEU A 673 -24.16 -15.55 11.01
C LEU A 673 -25.22 -14.90 10.10
N ASN A 674 -26.38 -14.63 10.70
CA ASN A 674 -27.43 -13.86 10.05
C ASN A 674 -27.63 -12.51 10.71
N VAL A 675 -27.50 -11.47 9.90
CA VAL A 675 -27.30 -10.13 10.40
C VAL A 675 -28.24 -9.13 9.76
N ILE A 676 -28.76 -8.21 10.57
CA ILE A 676 -29.42 -7.01 10.07
C ILE A 676 -28.33 -5.93 9.92
N ASP A 677 -28.17 -5.42 8.70
CA ASP A 677 -27.22 -4.33 8.48
C ASP A 677 -27.92 -3.01 8.13
N ASN A 678 -29.24 -3.02 8.19
CA ASN A 678 -30.07 -1.84 8.00
C ASN A 678 -30.16 -1.04 9.30
N GLN A 679 -29.40 0.03 9.38
CA GLN A 679 -29.30 0.86 10.59
C GLN A 679 -30.64 1.44 11.03
N ARG A 680 -31.47 1.85 10.07
CA ARG A 680 -32.80 2.40 10.38
C ARG A 680 -33.70 1.37 11.05
N THR A 681 -33.64 0.12 10.58
CA THR A 681 -34.39 -0.97 11.17
C THR A 681 -33.95 -1.23 12.61
N LEU A 682 -32.63 -1.23 12.82
CA LEU A 682 -32.05 -1.47 14.13
C LEU A 682 -32.36 -0.37 15.15
N SER A 683 -32.46 0.87 14.67
CA SER A 683 -32.87 2.01 15.50
C SER A 683 -34.33 1.90 15.90
N GLN A 684 -35.18 1.53 14.94
CA GLN A 684 -36.61 1.38 15.19
C GLN A 684 -36.88 0.26 16.19
N MET A 685 -36.12 -0.82 16.09
CA MET A 685 -36.21 -1.94 17.03
C MET A 685 -35.78 -1.50 18.43
N SER A 686 -34.73 -0.69 18.49
CA SER A 686 -34.21 -0.17 19.76
C SER A 686 -35.17 0.82 20.42
N HIS A 687 -35.85 1.61 19.59
CA HIS A 687 -36.78 2.64 20.08
C HIS A 687 -38.09 2.07 20.63
N ARG A 688 -38.41 0.83 20.25
CA ARG A 688 -39.58 0.16 20.78
C ARG A 688 -39.27 -0.74 21.98
N LEU A 689 -37.99 -1.08 22.16
CA LEU A 689 -37.54 -1.81 23.34
C LEU A 689 -37.45 -0.89 24.56
N GLU A 690 -36.87 0.29 24.34
CA GLU A 690 -36.74 1.31 25.37
C GLU A 690 -37.02 2.68 24.74
N PRO A 691 -38.26 3.19 24.89
CA PRO A 691 -38.67 4.46 24.28
C PRO A 691 -37.96 5.68 24.88
N GLU B 3 -6.36 21.70 22.76
CA GLU B 3 -6.60 20.51 21.88
C GLU B 3 -7.94 20.60 21.17
N TYR B 4 -7.93 20.25 19.88
CA TYR B 4 -9.15 20.24 19.08
C TYR B 4 -9.17 19.03 18.14
N LYS B 5 -10.37 18.51 17.86
CA LYS B 5 -10.54 17.38 16.96
C LYS B 5 -11.54 17.70 15.86
N LEU B 6 -11.07 17.69 14.62
CA LEU B 6 -11.91 17.96 13.47
C LEU B 6 -12.07 16.70 12.62
N VAL B 7 -13.23 16.55 11.99
CA VAL B 7 -13.57 15.32 11.28
C VAL B 7 -13.97 15.60 9.84
N VAL B 8 -13.39 14.84 8.91
CA VAL B 8 -13.68 14.98 7.49
C VAL B 8 -14.58 13.84 7.00
N LEU B 9 -15.79 14.21 6.58
CA LEU B 9 -16.80 13.24 6.14
C LEU B 9 -17.18 13.46 4.68
N GLY B 10 -17.71 12.42 4.06
CA GLY B 10 -18.11 12.47 2.66
C GLY B 10 -17.95 11.11 2.00
N SER B 11 -18.39 11.02 0.74
CA SER B 11 -18.27 9.80 -0.04
C SER B 11 -16.86 9.63 -0.58
N GLY B 12 -16.59 8.48 -1.19
CA GLY B 12 -15.29 8.21 -1.82
C GLY B 12 -15.11 9.01 -3.10
N GLY B 13 -13.85 9.14 -3.53
CA GLY B 13 -13.51 9.88 -4.74
C GLY B 13 -13.81 11.37 -4.66
N VAL B 14 -13.93 11.88 -3.44
CA VAL B 14 -14.35 13.25 -3.19
C VAL B 14 -13.18 14.18 -2.85
N GLY B 15 -12.04 13.58 -2.48
CA GLY B 15 -10.83 14.32 -2.17
C GLY B 15 -10.65 14.59 -0.69
N LYS B 16 -11.29 13.79 0.15
CA LYS B 16 -11.14 13.91 1.60
C LYS B 16 -9.67 13.79 2.01
N SER B 17 -9.02 12.73 1.54
CA SER B 17 -7.63 12.45 1.90
C SER B 17 -6.67 13.50 1.34
N ALA B 18 -6.94 13.96 0.11
CA ALA B 18 -6.14 14.99 -0.52
C ALA B 18 -6.16 16.30 0.28
N LEU B 19 -7.34 16.68 0.75
CA LEU B 19 -7.49 17.85 1.63
C LEU B 19 -6.72 17.69 2.94
N THR B 20 -6.88 16.53 3.58
CA THR B 20 -6.27 16.26 4.87
C THR B 20 -4.75 16.40 4.83
N VAL B 21 -4.13 15.79 3.83
CA VAL B 21 -2.67 15.82 3.67
C VAL B 21 -2.21 17.23 3.30
N GLN B 22 -2.96 17.86 2.40
CA GLN B 22 -2.65 19.21 1.93
C GLN B 22 -2.73 20.24 3.06
N PHE B 23 -3.51 19.95 4.09
CA PHE B 23 -3.61 20.83 5.25
C PHE B 23 -2.50 20.55 6.25
N VAL B 24 -2.38 19.30 6.70
CA VAL B 24 -1.42 18.96 7.76
C VAL B 24 0.04 19.08 7.33
N GLN B 25 0.33 18.78 6.06
CA GLN B 25 1.69 18.74 5.57
C GLN B 25 1.85 19.28 4.14
N GLY B 26 1.37 18.52 3.16
CA GLY B 26 1.43 18.93 1.76
C GLY B 26 1.96 17.83 0.87
N ILE B 27 1.23 17.54 -0.20
CA ILE B 27 1.61 16.52 -1.17
C ILE B 27 2.85 16.97 -1.94
N PHE B 28 3.71 16.01 -2.26
CA PHE B 28 4.96 16.22 -3.02
C PHE B 28 6.09 16.87 -2.23
N VAL B 29 5.88 18.08 -1.71
CA VAL B 29 6.92 18.82 -0.97
C VAL B 29 7.62 17.97 0.08
N GLU B 30 6.83 17.15 0.78
CA GLU B 30 7.36 16.21 1.75
C GLU B 30 6.65 14.87 1.59
N LYS B 31 7.34 13.78 1.93
CA LYS B 31 6.72 12.47 1.92
C LYS B 31 5.69 12.39 3.05
N TYR B 32 4.59 11.69 2.80
CA TYR B 32 3.56 11.55 3.82
C TYR B 32 3.53 10.16 4.45
N ASP B 33 3.85 10.12 5.73
CA ASP B 33 3.79 8.91 6.55
C ASP B 33 2.55 8.99 7.43
N PRO B 34 1.59 8.07 7.21
CA PRO B 34 0.35 8.09 8.00
C PRO B 34 0.36 7.13 9.19
N THR B 35 1.54 6.65 9.57
CA THR B 35 1.65 5.64 10.63
C THR B 35 2.30 6.15 11.92
N ILE B 36 2.60 7.44 11.96
CA ILE B 36 3.23 8.07 13.14
C ILE B 36 2.27 9.00 13.89
N GLU B 37 2.57 9.29 15.16
CA GLU B 37 1.69 10.06 16.04
C GLU B 37 1.22 11.42 15.49
N ASP B 38 2.12 12.13 14.82
CA ASP B 38 1.85 13.49 14.33
C ASP B 38 1.30 13.54 12.90
N SER B 39 0.89 12.39 12.37
CA SER B 39 0.43 12.28 10.98
C SER B 39 -0.74 13.19 10.64
N TYR B 40 -1.66 13.34 11.58
CA TYR B 40 -2.89 14.09 11.34
C TYR B 40 -3.01 15.33 12.24
N ARG B 41 -1.94 15.61 12.98
CA ARG B 41 -1.89 16.74 13.90
C ARG B 41 -1.13 17.91 13.29
N LYS B 42 -1.71 19.10 13.42
CA LYS B 42 -1.06 20.35 13.01
C LYS B 42 -1.28 21.42 14.07
N GLN B 43 -0.38 22.41 14.13
CA GLN B 43 -0.49 23.50 15.08
C GLN B 43 -0.81 24.82 14.38
N VAL B 44 -1.88 25.47 14.82
CA VAL B 44 -2.26 26.80 14.31
C VAL B 44 -2.66 27.72 15.46
N GLN B 50 -3.51 30.04 19.27
CA GLN B 50 -2.48 29.01 19.17
C GLN B 50 -3.03 27.67 19.68
N CYS B 51 -3.36 26.78 18.75
CA CYS B 51 -4.08 25.55 19.08
C CYS B 51 -3.71 24.36 18.19
N MET B 52 -3.77 23.16 18.77
CA MET B 52 -3.43 21.91 18.09
C MET B 52 -4.67 21.21 17.53
N LEU B 53 -4.63 20.87 16.25
CA LEU B 53 -5.74 20.22 15.57
C LEU B 53 -5.44 18.76 15.22
N GLU B 54 -6.37 17.87 15.58
CA GLU B 54 -6.31 16.46 15.18
C GLU B 54 -7.38 16.16 14.15
N ILE B 55 -6.96 15.89 12.92
CA ILE B 55 -7.90 15.59 11.84
C ILE B 55 -8.24 14.09 11.79
N LEU B 56 -9.54 13.81 11.92
CA LEU B 56 -10.02 12.44 11.83
C LEU B 56 -10.77 12.25 10.51
N ASP B 57 -10.10 11.63 9.55
CA ASP B 57 -10.65 11.48 8.21
C ASP B 57 -11.17 10.06 7.95
N THR B 58 -12.34 9.98 7.33
CA THR B 58 -12.98 8.70 7.02
C THR B 58 -12.60 8.17 5.64
N ALA B 59 -11.57 8.76 5.05
CA ALA B 59 -11.06 8.34 3.75
C ALA B 59 -10.48 6.92 3.82
N GLY B 60 -10.94 6.06 2.93
CA GLY B 60 -10.48 4.66 2.86
C GLY B 60 -11.21 3.71 3.79
N THR B 61 -11.99 4.27 4.72
CA THR B 61 -12.70 3.46 5.71
C THR B 61 -14.22 3.59 5.59
N GLU B 62 -14.69 4.13 4.46
CA GLU B 62 -16.12 4.41 4.23
C GLU B 62 -17.02 3.18 4.37
N GLN B 63 -16.51 2.01 4.01
CA GLN B 63 -17.26 0.76 4.13
C GLN B 63 -17.42 0.34 5.59
N PHE B 64 -16.59 0.89 6.47
CA PHE B 64 -16.66 0.60 7.89
C PHE B 64 -17.44 1.70 8.61
N THR B 65 -18.74 1.48 8.73
CA THR B 65 -19.68 2.42 9.36
C THR B 65 -19.33 2.75 10.81
N ALA B 66 -18.74 1.78 11.52
CA ALA B 66 -18.34 1.97 12.91
C ALA B 66 -17.19 2.96 13.04
N MET B 67 -16.37 3.06 11.99
CA MET B 67 -15.23 3.96 11.97
C MET B 67 -15.63 5.42 11.92
N ARG B 68 -16.64 5.75 11.10
CA ARG B 68 -17.14 7.12 11.04
C ARG B 68 -17.85 7.51 12.33
N ASP B 69 -18.56 6.55 12.94
CA ASP B 69 -19.29 6.80 14.18
C ASP B 69 -18.35 7.11 15.35
N LEU B 70 -17.27 6.35 15.45
CA LEU B 70 -16.24 6.57 16.46
C LEU B 70 -15.61 7.96 16.28
N TYR B 71 -15.39 8.33 15.02
CA TYR B 71 -14.83 9.63 14.68
C TYR B 71 -15.83 10.75 14.97
N MET B 72 -17.11 10.48 14.73
CA MET B 72 -18.19 11.43 15.02
C MET B 72 -18.33 11.67 16.52
N LYS B 73 -18.19 10.61 17.30
CA LYS B 73 -18.27 10.68 18.76
C LYS B 73 -17.16 11.54 19.34
N ASN B 74 -15.94 11.33 18.86
CA ASN B 74 -14.76 12.05 19.36
C ASN B 74 -14.59 13.44 18.75
N GLY B 75 -15.32 13.69 17.66
CA GLY B 75 -15.22 14.96 16.93
C GLY B 75 -15.77 16.16 17.68
N GLN B 76 -15.44 17.35 17.18
CA GLN B 76 -15.91 18.62 17.75
C GLN B 76 -16.21 19.60 16.62
N GLY B 77 -15.72 19.27 15.42
CA GLY B 77 -15.99 20.04 14.21
C GLY B 77 -16.05 19.09 13.03
N PHE B 78 -16.93 19.39 12.07
CA PHE B 78 -17.18 18.46 10.99
C PHE B 78 -17.12 19.10 9.61
N ALA B 79 -16.37 18.48 8.71
CA ALA B 79 -16.26 18.93 7.33
C ALA B 79 -17.03 17.99 6.42
N LEU B 80 -18.16 18.48 5.92
CA LEU B 80 -19.05 17.70 5.07
C LEU B 80 -18.67 17.95 3.62
N VAL B 81 -17.72 17.15 3.12
CA VAL B 81 -17.13 17.38 1.80
C VAL B 81 -17.89 16.64 0.70
N TYR B 82 -18.08 17.33 -0.41
CA TYR B 82 -18.62 16.73 -1.63
C TYR B 82 -17.82 17.18 -2.85
N SER B 83 -18.05 16.54 -3.99
CA SER B 83 -17.41 16.89 -5.25
C SER B 83 -18.38 17.59 -6.19
N ILE B 84 -17.85 18.43 -7.07
CA ILE B 84 -18.67 19.15 -8.05
C ILE B 84 -18.61 18.44 -9.42
N THR B 85 -17.91 17.31 -9.47
CA THR B 85 -17.89 16.47 -10.67
C THR B 85 -18.86 15.29 -10.54
N ALA B 86 -19.48 15.17 -9.37
CA ALA B 86 -20.39 14.06 -9.09
C ALA B 86 -21.69 14.53 -8.44
N GLN B 87 -22.80 14.21 -9.11
CA GLN B 87 -24.15 14.52 -8.65
C GLN B 87 -24.50 13.80 -7.33
N SER B 88 -24.01 12.57 -7.21
CA SER B 88 -24.30 11.68 -6.09
C SER B 88 -23.89 12.23 -4.73
N THR B 89 -22.78 12.96 -4.70
CA THR B 89 -22.11 13.30 -3.44
C THR B 89 -22.80 14.37 -2.59
N PHE B 90 -23.47 15.32 -3.23
CA PHE B 90 -24.24 16.31 -2.46
C PHE B 90 -25.50 15.66 -1.90
N ASN B 91 -26.04 14.70 -2.65
CA ASN B 91 -27.20 13.91 -2.22
C ASN B 91 -26.88 13.05 -1.00
N ASP B 92 -25.64 12.60 -0.89
CA ASP B 92 -25.19 11.74 0.21
C ASP B 92 -25.00 12.49 1.54
N LEU B 93 -24.97 13.82 1.48
CA LEU B 93 -24.66 14.63 2.66
C LEU B 93 -25.81 14.77 3.66
N GLN B 94 -27.03 14.54 3.20
CA GLN B 94 -28.22 14.60 4.07
C GLN B 94 -28.13 13.62 5.24
N ASP B 95 -27.69 12.40 4.95
CA ASP B 95 -27.61 11.31 5.92
C ASP B 95 -26.52 11.55 6.97
N LEU B 96 -25.33 11.93 6.50
CA LEU B 96 -24.18 12.20 7.37
C LEU B 96 -24.47 13.32 8.37
N ARG B 97 -25.14 14.37 7.89
CA ARG B 97 -25.57 15.49 8.71
C ARG B 97 -26.39 15.01 9.91
N GLU B 98 -27.36 14.14 9.63
CA GLU B 98 -28.26 13.60 10.67
C GLU B 98 -27.55 12.60 11.57
N GLN B 99 -26.65 11.81 11.00
CA GLN B 99 -25.90 10.78 11.73
C GLN B 99 -25.00 11.38 12.81
N ILE B 100 -24.47 12.59 12.58
CA ILE B 100 -23.71 13.31 13.59
C ILE B 100 -24.62 13.66 14.77
N LEU B 101 -25.79 14.21 14.47
CA LEU B 101 -26.78 14.58 15.48
C LEU B 101 -27.52 13.37 16.05
N ARG B 102 -26.78 12.28 16.25
CA ARG B 102 -27.35 11.06 16.83
C ARG B 102 -26.29 10.31 17.65
N VAL B 103 -25.04 10.38 17.21
CA VAL B 103 -23.91 9.80 17.96
C VAL B 103 -23.46 10.79 19.03
N LYS B 104 -23.40 12.07 18.66
CA LYS B 104 -23.04 13.15 19.58
C LYS B 104 -24.06 13.30 20.70
N ASP B 105 -25.31 12.98 20.40
CA ASP B 105 -26.45 13.06 21.32
C ASP B 105 -26.80 14.50 21.70
N THR B 106 -26.25 15.46 20.94
CA THR B 106 -26.49 16.87 21.17
C THR B 106 -27.49 17.46 20.16
N ASP B 107 -27.82 18.73 20.34
CA ASP B 107 -28.85 19.40 19.54
C ASP B 107 -28.25 20.14 18.35
N ASP B 108 -27.09 20.77 18.57
CA ASP B 108 -26.39 21.50 17.50
C ASP B 108 -24.90 21.22 17.56
N VAL B 109 -24.32 20.98 16.38
CA VAL B 109 -22.89 20.68 16.26
C VAL B 109 -22.25 21.60 15.22
N PRO B 110 -21.16 22.30 15.61
CA PRO B 110 -20.44 23.19 14.70
C PRO B 110 -19.84 22.44 13.51
N MET B 111 -20.31 22.77 12.30
CA MET B 111 -19.88 22.08 11.09
C MET B 111 -19.70 23.02 9.90
N ILE B 112 -19.09 22.50 8.84
CA ILE B 112 -18.84 23.26 7.62
C ILE B 112 -19.12 22.41 6.37
N LEU B 113 -19.72 23.03 5.37
CA LEU B 113 -19.97 22.39 4.09
C LEU B 113 -18.85 22.75 3.11
N VAL B 114 -18.40 21.76 2.34
CA VAL B 114 -17.25 21.92 1.45
C VAL B 114 -17.53 21.32 0.08
N GLY B 115 -17.39 22.12 -0.97
CA GLY B 115 -17.54 21.66 -2.34
C GLY B 115 -16.19 21.55 -3.05
N ASN B 116 -15.54 20.40 -2.90
CA ASN B 116 -14.20 20.18 -3.42
C ASN B 116 -14.14 20.00 -4.94
N LYS B 117 -12.94 20.18 -5.51
CA LYS B 117 -12.65 19.93 -6.93
C LYS B 117 -13.14 21.02 -7.89
N CYS B 118 -13.11 22.27 -7.45
CA CYS B 118 -13.60 23.41 -8.25
C CYS B 118 -12.71 23.73 -9.47
N ASP B 119 -11.44 23.35 -9.39
CA ASP B 119 -10.44 23.68 -10.42
C ASP B 119 -10.79 23.18 -11.83
N LEU B 120 -11.54 22.08 -11.91
CA LEU B 120 -11.97 21.54 -13.21
C LEU B 120 -13.43 21.88 -13.52
N GLU B 121 -13.61 22.77 -14.48
CA GLU B 121 -14.94 23.29 -14.85
C GLU B 121 -15.51 22.60 -16.08
N ASP B 122 -14.63 22.05 -16.91
CA ASP B 122 -15.01 21.35 -18.13
C ASP B 122 -15.62 19.96 -17.88
N GLU B 123 -15.44 19.46 -16.65
CA GLU B 123 -16.00 18.17 -16.24
C GLU B 123 -17.11 18.36 -15.19
N ARG B 124 -17.26 19.59 -14.72
CA ARG B 124 -18.25 19.96 -13.71
C ARG B 124 -19.68 19.65 -14.17
N VAL B 125 -20.47 19.07 -13.27
CA VAL B 125 -21.89 18.79 -13.53
C VAL B 125 -22.83 19.37 -12.46
N VAL B 126 -22.30 19.57 -11.26
CA VAL B 126 -23.04 20.19 -10.15
C VAL B 126 -22.78 21.69 -10.17
N GLY B 127 -23.66 22.46 -9.54
CA GLY B 127 -23.50 23.91 -9.47
C GLY B 127 -23.20 24.41 -8.07
N LYS B 128 -22.94 25.72 -7.96
CA LYS B 128 -22.74 26.38 -6.67
C LYS B 128 -24.07 26.47 -5.93
N GLU B 129 -25.12 26.70 -6.71
CA GLU B 129 -26.50 26.95 -6.22
C GLU B 129 -26.98 26.03 -5.09
N GLN B 130 -26.66 24.74 -5.21
CA GLN B 130 -27.23 23.72 -4.32
C GLN B 130 -26.78 23.81 -2.87
N GLY B 131 -25.51 24.13 -2.65
CA GLY B 131 -24.94 24.14 -1.29
C GLY B 131 -25.05 25.45 -0.53
N GLN B 132 -25.80 26.40 -1.08
CA GLN B 132 -25.90 27.75 -0.52
C GLN B 132 -26.74 27.83 0.75
N ASN B 133 -27.80 27.02 0.81
CA ASN B 133 -28.85 27.17 1.82
C ASN B 133 -28.72 26.32 3.08
N LEU B 134 -27.96 25.22 2.98
CA LEU B 134 -27.81 24.29 4.10
C LEU B 134 -26.72 24.77 5.06
N ALA B 142 -20.66 27.15 7.09
CA ALA B 142 -20.42 28.03 5.94
C ALA B 142 -20.51 27.26 4.62
N PHE B 143 -19.87 27.78 3.59
CA PHE B 143 -19.77 27.09 2.30
C PHE B 143 -18.57 27.58 1.48
N LEU B 144 -17.78 26.63 0.98
CA LEU B 144 -16.64 26.93 0.13
C LEU B 144 -16.65 26.06 -1.13
N GLU B 145 -16.13 26.61 -2.22
CA GLU B 145 -15.80 25.83 -3.40
C GLU B 145 -14.29 25.59 -3.44
N SER B 146 -13.82 24.82 -2.46
CA SER B 146 -12.38 24.59 -2.27
C SER B 146 -11.79 23.63 -3.29
N SER B 147 -10.46 23.55 -3.31
CA SER B 147 -9.75 22.60 -4.14
C SER B 147 -8.52 22.13 -3.38
N ALA B 148 -8.36 20.81 -3.30
CA ALA B 148 -7.22 20.21 -2.60
C ALA B 148 -5.96 20.28 -3.45
N LYS B 149 -6.08 19.90 -4.72
CA LYS B 149 -4.95 19.85 -5.63
C LYS B 149 -4.48 21.23 -6.11
N SER B 150 -5.37 22.22 -5.99
CA SER B 150 -5.05 23.60 -6.39
C SER B 150 -4.93 24.55 -5.21
N LYS B 151 -4.86 23.99 -4.00
CA LYS B 151 -4.60 24.73 -2.76
C LYS B 151 -5.63 25.82 -2.41
N ILE B 152 -6.73 25.87 -3.17
CA ILE B 152 -7.80 26.84 -2.93
C ILE B 152 -8.61 26.49 -1.69
N ASN B 153 -8.66 27.42 -0.74
CA ASN B 153 -9.48 27.32 0.49
C ASN B 153 -9.20 26.10 1.39
N VAL B 154 -8.01 25.52 1.28
CA VAL B 154 -7.65 24.34 2.06
C VAL B 154 -7.60 24.65 3.56
N ASN B 155 -6.83 25.69 3.92
CA ASN B 155 -6.68 26.11 5.32
C ASN B 155 -7.97 26.72 5.87
N GLU B 156 -8.71 27.38 4.99
CA GLU B 156 -9.99 28.03 5.32
C GLU B 156 -10.95 27.06 6.01
N ILE B 157 -11.11 25.87 5.41
CA ILE B 157 -11.96 24.80 5.92
C ILE B 157 -11.75 24.55 7.41
N PHE B 158 -10.50 24.40 7.81
CA PHE B 158 -10.16 24.02 9.18
C PHE B 158 -9.99 25.24 10.11
N TYR B 159 -10.00 26.44 9.53
CA TYR B 159 -9.99 27.66 10.33
C TYR B 159 -11.37 27.92 10.93
N ASP B 160 -12.39 27.83 10.08
CA ASP B 160 -13.78 28.12 10.46
C ASP B 160 -14.30 27.24 11.61
N LEU B 161 -13.91 25.97 11.61
CA LEU B 161 -14.37 25.00 12.60
C LEU B 161 -13.86 25.32 14.01
N VAL B 162 -12.65 25.88 14.10
CA VAL B 162 -12.07 26.25 15.39
C VAL B 162 -12.74 27.50 15.95
N ARG B 163 -13.18 28.38 15.05
CA ARG B 163 -13.96 29.57 15.42
C ARG B 163 -15.29 29.15 16.03
N GLN B 164 -15.97 28.24 15.34
CA GLN B 164 -17.30 27.75 15.74
C GLN B 164 -17.23 26.80 16.93
P CMP C . 30.38 1.84 -10.68
O1P CMP C . 29.17 0.95 -10.71
O2P CMP C . 31.38 1.66 -9.58
O5' CMP C . 31.14 1.68 -12.10
C5' CMP C . 30.67 2.32 -13.30
C4' CMP C . 30.44 3.78 -12.96
O4' CMP C . 29.95 4.60 -14.01
C3' CMP C . 29.36 3.88 -11.90
O3' CMP C . 29.91 3.39 -10.69
C2' CMP C . 28.96 5.34 -11.96
O2' CMP C . 29.75 6.13 -11.08
C1' CMP C . 29.25 5.71 -13.42
N9 CMP C . 28.00 5.97 -14.19
C8 CMP C . 27.69 7.14 -14.80
N7 CMP C . 26.49 7.07 -15.42
C5 CMP C . 26.00 5.84 -15.22
C6 CMP C . 24.76 5.10 -15.59
N6 CMP C . 23.80 5.68 -16.34
N1 CMP C . 24.64 3.81 -15.18
C2 CMP C . 25.60 3.21 -14.44
N3 CMP C . 26.74 3.83 -14.06
C4 CMP C . 27.00 5.11 -14.41
S SO4 D . -11.59 10.50 -1.00
O1 SO4 D . -12.06 9.13 -1.19
O2 SO4 D . -10.60 10.55 0.08
O3 SO4 D . -12.73 11.34 -0.65
O4 SO4 D . -10.97 10.94 -2.25
#